data_4OQN
#
_entry.id   4OQN
#
_cell.length_a   113.640
_cell.length_b   116.280
_cell.length_c   108.160
_cell.angle_alpha   90.00
_cell.angle_beta   90.00
_cell.angle_gamma   90.00
#
_symmetry.space_group_name_H-M   'C 2 2 21'
#
loop_
_entity.id
_entity.type
_entity.pdbx_description
1 polymer 'Thymidine kinase'
2 non-polymer 'SULFATE ION'
3 non-polymer "2'-deoxy-5-ethynyluridine"
4 water water
#
_entity_poly.entity_id   1
_entity_poly.type   'polypeptide(L)'
_entity_poly.pdbx_seq_one_letter_code
;KMPTLLRVYIDGPHGMGKTTTTQLLVALGSRDDIVYVPEPMTYWRVLGASETIANIYTTQHRLDQGEISAGDAAVVMTSA
QITMGMPYAVTDAVLAPHIGGEAGSSHAPPPALTLIFDRHPIAALLCYPAARYLMGSMTPQAVLAFVALIPPTLPGTNIV
LGALPEDRHIDRLAKRQRPGERLDLAMLAAIRRVYGLLANTVRYLQCGGSWREDWGQLSGTAVPPQGAEPQSNAGPRPHI
GDTLFTLFRAPELLAPNGDLYNVFAWALDVLAKRLRSMHVFILDYDQSPAGCRDALLQLTSGMVQTHVTTPGSIPTICDL
ARTFAREMGEAN
;
_entity_poly.pdbx_strand_id   A,B
#
loop_
_chem_comp.id
_chem_comp.type
_chem_comp.name
_chem_comp.formula
EDU non-polymer 2'-deoxy-5-ethynyluridine 'C11 H12 N2 O5'
SO4 non-polymer 'SULFATE ION' 'O4 S -2'
#
# COMPACT_ATOMS: atom_id res chain seq x y z
N LYS A 1 12.64 -7.04 -30.25
CA LYS A 1 13.50 -6.37 -29.28
C LYS A 1 13.00 -4.97 -28.98
N MET A 2 12.26 -4.83 -27.88
CA MET A 2 11.53 -3.61 -27.56
C MET A 2 12.45 -2.43 -27.19
N PRO A 3 11.98 -1.18 -27.42
CA PRO A 3 12.77 0.01 -27.08
C PRO A 3 13.13 0.08 -25.60
N THR A 4 14.09 0.94 -25.25
CA THR A 4 14.59 0.97 -23.88
C THR A 4 14.16 2.19 -23.08
N LEU A 5 14.02 2.00 -21.77
CA LEU A 5 13.63 3.07 -20.87
C LEU A 5 14.68 3.29 -19.78
N LEU A 6 14.95 4.55 -19.47
CA LEU A 6 15.76 4.91 -18.30
C LEU A 6 14.92 5.65 -17.26
N ARG A 7 14.77 5.06 -16.08
CA ARG A 7 14.09 5.74 -14.99
C ARG A 7 15.07 6.22 -13.93
N VAL A 8 14.94 7.49 -13.54
CA VAL A 8 15.88 8.11 -12.64
C VAL A 8 15.09 8.84 -11.58
N TYR A 9 15.13 8.34 -10.35
CA TYR A 9 14.39 8.97 -9.26
C TYR A 9 15.35 9.77 -8.38
N ILE A 10 15.13 11.09 -8.34
CA ILE A 10 15.96 11.98 -7.58
C ILE A 10 15.33 12.22 -6.23
N ASP A 11 16.07 11.86 -5.18
CA ASP A 11 15.48 11.78 -3.86
C ASP A 11 16.49 12.22 -2.83
N GLY A 12 16.07 12.26 -1.57
CA GLY A 12 16.93 12.71 -0.51
C GLY A 12 16.13 13.67 0.34
N PRO A 13 16.75 14.21 1.39
CA PRO A 13 16.05 15.18 2.23
C PRO A 13 15.61 16.38 1.42
N HIS A 14 14.55 17.04 1.87
CA HIS A 14 14.11 18.27 1.26
C HIS A 14 15.12 19.37 1.57
N GLY A 15 15.08 20.45 0.79
CA GLY A 15 15.91 21.61 1.06
C GLY A 15 17.34 21.49 0.54
N MET A 16 17.63 20.48 -0.27
CA MET A 16 18.97 20.34 -0.85
C MET A 16 19.12 20.94 -2.24
N GLY A 17 18.01 21.25 -2.89
CA GLY A 17 18.02 21.78 -4.26
C GLY A 17 17.63 20.80 -5.37
N LYS A 18 17.06 19.65 -4.97
CA LYS A 18 16.76 18.57 -5.91
C LYS A 18 15.82 18.98 -7.07
N THR A 19 14.89 19.87 -6.77
CA THR A 19 13.88 20.29 -7.75
C THR A 19 14.39 21.41 -8.70
N THR A 20 15.38 22.20 -8.28
CA THR A 20 15.99 23.18 -9.20
C THR A 20 16.85 22.42 -10.21
N THR A 21 17.86 21.75 -9.67
CA THR A 21 18.79 20.85 -10.37
C THR A 21 18.18 20.15 -11.56
N THR A 22 17.06 19.49 -11.31
CA THR A 22 16.41 18.62 -12.30
C THR A 22 15.72 19.39 -13.42
N GLN A 23 15.05 20.48 -13.05
CA GLN A 23 14.38 21.36 -14.01
C GLN A 23 15.37 21.83 -15.07
N LEU A 24 16.60 22.06 -14.65
CA LEU A 24 17.65 22.51 -15.54
C LEU A 24 18.10 21.37 -16.45
N LEU A 25 18.16 20.16 -15.89
CA LEU A 25 18.56 18.96 -16.63
C LEU A 25 17.55 18.66 -17.73
N VAL A 26 16.30 18.98 -17.46
CA VAL A 26 15.20 18.74 -18.39
C VAL A 26 15.18 19.76 -19.52
N ALA A 27 16.23 20.58 -19.60
CA ALA A 27 16.33 21.59 -20.64
C ALA A 27 17.33 21.20 -21.74
N LEU A 28 18.38 20.46 -21.37
CA LEU A 28 19.44 20.08 -22.30
C LEU A 28 18.99 19.08 -23.38
N GLY A 29 18.66 17.85 -22.97
CA GLY A 29 18.21 16.82 -23.88
C GLY A 29 16.92 17.19 -24.58
N SER A 30 16.68 16.59 -25.76
CA SER A 30 15.50 16.95 -26.56
C SER A 30 14.23 16.86 -25.75
N ARG A 31 13.34 17.85 -25.91
CA ARG A 31 12.10 17.90 -25.16
C ARG A 31 11.28 16.61 -25.31
N ASP A 32 11.56 15.86 -26.37
CA ASP A 32 10.78 14.67 -26.72
C ASP A 32 11.18 13.41 -25.95
N ASP A 33 12.48 13.10 -25.90
CA ASP A 33 12.95 11.83 -25.36
C ASP A 33 13.31 11.87 -23.86
N ILE A 34 12.95 12.96 -23.18
CA ILE A 34 13.11 13.03 -21.74
C ILE A 34 11.97 13.80 -21.09
N VAL A 35 11.43 13.25 -19.99
CA VAL A 35 10.33 13.89 -19.27
C VAL A 35 10.67 14.08 -17.80
N TYR A 36 10.37 15.27 -17.28
CA TYR A 36 10.55 15.57 -15.88
C TYR A 36 9.21 15.42 -15.16
N VAL A 37 9.13 14.43 -14.27
CA VAL A 37 7.95 14.20 -13.44
C VAL A 37 8.18 14.92 -12.12
N PRO A 38 7.53 16.07 -11.94
CA PRO A 38 7.78 16.98 -10.81
C PRO A 38 7.10 16.49 -9.53
N GLU A 39 7.30 17.22 -8.44
CA GLU A 39 6.64 16.90 -7.19
C GLU A 39 5.16 17.21 -7.34
N PRO A 40 4.30 16.28 -6.90
CA PRO A 40 2.86 16.44 -7.02
C PRO A 40 2.30 17.50 -6.05
N MET A 41 2.83 18.71 -6.14
CA MET A 41 2.46 19.80 -5.25
C MET A 41 0.98 20.15 -5.30
N THR A 42 0.38 20.14 -6.49
CA THR A 42 -1.05 20.41 -6.59
C THR A 42 -1.90 19.34 -5.88
N TYR A 43 -1.46 18.08 -5.91
CA TYR A 43 -2.17 17.04 -5.16
C TYR A 43 -2.02 17.29 -3.65
N TRP A 44 -0.79 17.57 -3.22
CA TRP A 44 -0.52 17.84 -1.81
C TRP A 44 -1.31 19.03 -1.24
N ARG A 45 -1.45 20.09 -2.03
CA ARG A 45 -2.12 21.31 -1.55
C ARG A 45 -3.63 21.35 -1.77
N VAL A 46 -4.12 20.73 -2.84
CA VAL A 46 -5.53 20.84 -3.24
C VAL A 46 -6.27 19.53 -3.53
N LEU A 47 -5.74 18.72 -4.44
CA LEU A 47 -6.48 17.55 -4.95
C LEU A 47 -6.77 16.47 -3.91
N GLY A 48 -5.75 16.05 -3.17
CA GLY A 48 -5.89 14.97 -2.21
C GLY A 48 -6.44 15.42 -0.88
N ALA A 49 -6.04 16.63 -0.48
CA ALA A 49 -6.47 17.19 0.79
C ALA A 49 -6.05 18.65 0.79
N SER A 50 -6.46 19.38 1.81
CA SER A 50 -6.20 20.82 1.83
C SER A 50 -4.90 21.12 2.57
N GLU A 51 -3.89 21.54 1.84
CA GLU A 51 -2.61 21.97 2.41
C GLU A 51 -1.99 20.92 3.34
N THR A 52 -1.74 19.73 2.79
CA THR A 52 -1.11 18.63 3.51
C THR A 52 0.23 19.02 4.15
N ILE A 53 1.05 19.78 3.42
CA ILE A 53 2.37 20.15 3.94
C ILE A 53 2.26 21.00 5.20
N ALA A 54 1.39 22.01 5.16
CA ALA A 54 1.09 22.83 6.33
C ALA A 54 0.60 21.96 7.50
N ASN A 55 -0.33 21.07 7.19
CA ASN A 55 -0.91 20.10 8.14
C ASN A 55 0.20 19.32 8.85
N ILE A 56 1.19 18.90 8.08
CA ILE A 56 2.30 18.10 8.62
C ILE A 56 3.20 18.87 9.59
N TYR A 57 3.64 20.06 9.20
CA TYR A 57 4.56 20.83 10.03
C TYR A 57 3.85 21.44 11.24
N THR A 58 2.63 21.91 11.03
CA THR A 58 1.82 22.40 12.13
C THR A 58 1.58 21.34 13.21
N THR A 59 1.35 20.09 12.79
CA THR A 59 1.16 18.98 13.72
C THR A 59 2.41 18.74 14.56
N GLN A 60 3.58 18.71 13.91
CA GLN A 60 4.80 18.49 14.66
C GLN A 60 5.05 19.65 15.62
N HIS A 61 4.79 20.88 15.17
CA HIS A 61 4.94 22.05 16.03
C HIS A 61 4.03 21.98 17.27
N ARG A 62 2.75 21.69 17.05
CA ARG A 62 1.80 21.53 18.16
C ARG A 62 2.21 20.44 19.16
N LEU A 63 2.71 19.31 18.65
CA LEU A 63 3.21 18.26 19.53
C LEU A 63 4.42 18.77 20.29
N ASP A 64 5.31 19.46 19.59
CA ASP A 64 6.50 20.02 20.21
C ASP A 64 6.14 20.94 21.37
N GLN A 65 5.11 21.76 21.16
CA GLN A 65 4.67 22.71 22.18
C GLN A 65 3.83 22.04 23.27
N GLY A 66 3.55 20.75 23.09
CA GLY A 66 2.77 20.01 24.06
C GLY A 66 1.30 20.38 24.01
N GLU A 67 0.85 20.87 22.86
CA GLU A 67 -0.55 21.23 22.68
C GLU A 67 -1.41 20.00 22.31
N ILE A 68 -0.76 18.97 21.78
CA ILE A 68 -1.43 17.70 21.46
C ILE A 68 -0.53 16.55 21.88
N SER A 69 -1.10 15.35 21.98
CA SER A 69 -0.34 14.18 22.45
C SER A 69 0.43 13.47 21.33
N ALA A 70 1.34 12.58 21.72
CA ALA A 70 2.03 11.69 20.79
C ALA A 70 1.02 10.95 19.89
N GLY A 71 -0.05 10.45 20.51
CA GLY A 71 -1.09 9.71 19.82
C GLY A 71 -1.89 10.53 18.81
N ASP A 72 -2.27 11.75 19.17
CA ASP A 72 -3.01 12.62 18.27
C ASP A 72 -2.14 13.00 17.07
N ALA A 73 -0.88 13.29 17.35
CA ALA A 73 0.07 13.63 16.29
C ALA A 73 0.26 12.47 15.31
N ALA A 74 0.31 11.25 15.83
CA ALA A 74 0.53 10.05 15.03
C ALA A 74 -0.63 9.74 14.07
N VAL A 75 -1.86 9.93 14.52
CA VAL A 75 -3.00 9.67 13.64
C VAL A 75 -3.04 10.70 12.54
N VAL A 76 -2.73 11.94 12.88
CA VAL A 76 -2.70 13.01 11.90
C VAL A 76 -1.56 12.77 10.91
N MET A 77 -0.38 12.48 11.44
CA MET A 77 0.81 12.24 10.62
C MET A 77 0.61 11.06 9.66
N THR A 78 0.03 9.97 10.16
CA THR A 78 -0.17 8.79 9.35
C THR A 78 -1.08 9.06 8.15
N SER A 79 -2.24 9.68 8.38
CA SER A 79 -3.17 10.00 7.28
C SER A 79 -2.53 10.90 6.26
N ALA A 80 -1.76 11.87 6.76
CA ALA A 80 -1.13 12.85 5.89
C ALA A 80 -0.09 12.17 5.00
N GLN A 81 0.62 11.18 5.53
CA GLN A 81 1.64 10.51 4.72
C GLN A 81 1.01 9.71 3.61
N ILE A 82 -0.22 9.24 3.84
CA ILE A 82 -0.97 8.50 2.85
C ILE A 82 -1.29 9.45 1.69
N THR A 83 -1.72 10.66 2.03
CA THR A 83 -2.02 11.67 1.03
C THR A 83 -0.78 12.01 0.21
N MET A 84 0.33 12.24 0.92
CA MET A 84 1.61 12.58 0.30
C MET A 84 2.06 11.54 -0.73
N GLY A 85 1.91 10.28 -0.36
CA GLY A 85 2.42 9.19 -1.18
C GLY A 85 1.54 8.75 -2.33
N MET A 86 0.27 9.14 -2.31
CA MET A 86 -0.70 8.65 -3.31
C MET A 86 -0.28 8.80 -4.79
N PRO A 87 0.09 10.02 -5.23
CA PRO A 87 0.50 10.15 -6.64
C PRO A 87 1.72 9.29 -6.98
N TYR A 88 2.61 9.09 -6.03
CA TYR A 88 3.77 8.22 -6.22
C TYR A 88 3.33 6.76 -6.37
N ALA A 89 2.36 6.37 -5.57
CA ALA A 89 1.86 5.00 -5.60
C ALA A 89 1.04 4.69 -6.86
N VAL A 90 0.16 5.59 -7.28
CA VAL A 90 -0.57 5.31 -8.52
C VAL A 90 0.37 5.21 -9.70
N THR A 91 1.32 6.13 -9.78
CA THR A 91 2.19 6.25 -10.94
C THR A 91 3.00 5.00 -11.12
N ASP A 92 3.60 4.53 -10.03
CA ASP A 92 4.39 3.30 -10.04
C ASP A 92 3.53 2.14 -10.49
N ALA A 93 2.28 2.13 -10.03
CA ALA A 93 1.39 1.01 -10.27
C ALA A 93 0.98 0.92 -11.75
N VAL A 94 0.75 2.07 -12.37
CA VAL A 94 0.39 2.10 -13.79
C VAL A 94 1.63 1.91 -14.68
N LEU A 95 2.80 2.31 -14.18
CA LEU A 95 4.03 2.15 -14.94
C LEU A 95 4.54 0.71 -14.95
N ALA A 96 4.35 0.00 -13.84
CA ALA A 96 4.88 -1.36 -13.68
C ALA A 96 4.65 -2.35 -14.85
N PRO A 97 3.39 -2.52 -15.32
CA PRO A 97 3.15 -3.44 -16.43
C PRO A 97 3.99 -3.12 -17.65
N HIS A 98 4.41 -1.87 -17.78
CA HIS A 98 5.19 -1.45 -18.94
C HIS A 98 6.67 -1.74 -18.81
N ILE A 99 7.15 -2.11 -17.63
CA ILE A 99 8.58 -2.30 -17.43
C ILE A 99 8.98 -3.72 -17.78
N GLY A 100 9.95 -3.84 -18.67
CA GLY A 100 10.49 -5.14 -19.05
C GLY A 100 11.72 -5.44 -18.21
N GLY A 101 12.54 -6.38 -18.67
CA GLY A 101 13.78 -6.70 -17.99
C GLY A 101 14.90 -5.77 -18.40
N GLU A 102 16.05 -5.92 -17.77
CA GLU A 102 17.19 -5.05 -18.05
C GLU A 102 17.64 -5.19 -19.50
N ALA A 103 18.28 -4.14 -20.02
CA ALA A 103 18.71 -4.11 -21.41
C ALA A 103 20.10 -4.73 -21.57
N PRO A 109 23.39 1.90 -27.48
CA PRO A 109 22.12 2.48 -27.92
C PRO A 109 21.40 3.23 -26.80
N PRO A 110 21.47 4.58 -26.81
CA PRO A 110 20.86 5.43 -25.78
C PRO A 110 19.37 5.15 -25.59
N PRO A 111 18.82 5.50 -24.41
CA PRO A 111 17.43 5.15 -24.11
C PRO A 111 16.43 5.86 -25.02
N ALA A 112 15.42 5.13 -25.47
CA ALA A 112 14.35 5.70 -26.27
C ALA A 112 13.60 6.76 -25.48
N LEU A 113 13.49 6.54 -24.17
CA LEU A 113 12.84 7.50 -23.29
C LEU A 113 13.52 7.54 -21.92
N THR A 114 13.71 8.75 -21.38
CA THR A 114 14.29 8.90 -20.06
C THR A 114 13.30 9.64 -19.17
N LEU A 115 12.88 9.00 -18.07
CA LEU A 115 12.00 9.65 -17.11
C LEU A 115 12.80 10.08 -15.91
N ILE A 116 12.70 11.36 -15.54
CA ILE A 116 13.36 11.82 -14.34
C ILE A 116 12.30 12.25 -13.34
N PHE A 117 12.15 11.46 -12.28
CA PHE A 117 11.16 11.72 -11.27
C PHE A 117 11.70 12.55 -10.13
N ASP A 118 10.85 13.39 -9.58
CA ASP A 118 11.17 14.08 -8.35
C ASP A 118 10.67 13.23 -7.19
N ARG A 119 11.57 12.37 -6.72
CA ARG A 119 11.36 11.40 -5.63
C ARG A 119 10.79 10.07 -6.09
N HIS A 120 11.06 9.05 -5.28
CA HIS A 120 10.58 7.69 -5.49
C HIS A 120 9.52 7.42 -4.44
N PRO A 121 8.63 6.43 -4.69
CA PRO A 121 7.67 5.99 -3.67
C PRO A 121 8.22 5.73 -2.25
N ILE A 122 9.46 5.27 -2.07
CA ILE A 122 9.95 5.07 -0.69
C ILE A 122 10.15 6.36 0.11
N ALA A 123 10.16 7.52 -0.55
CA ALA A 123 10.20 8.77 0.21
C ALA A 123 8.98 8.85 1.13
N ALA A 124 7.79 8.70 0.56
CA ALA A 124 6.56 8.79 1.35
C ALA A 124 6.18 7.49 2.05
N LEU A 125 6.74 6.37 1.61
CA LEU A 125 6.38 5.08 2.15
C LEU A 125 7.40 4.53 3.16
N LEU A 126 8.58 5.12 3.21
CA LEU A 126 9.61 4.67 4.13
C LEU A 126 10.32 5.79 4.88
N CYS A 127 10.90 6.72 4.12
CA CYS A 127 11.82 7.70 4.69
C CYS A 127 11.14 8.74 5.58
N TYR A 128 10.14 9.41 5.05
CA TYR A 128 9.42 10.39 5.86
C TYR A 128 8.70 9.80 7.08
N PRO A 129 7.93 8.70 6.89
CA PRO A 129 7.41 7.98 8.07
C PRO A 129 8.49 7.65 9.11
N ALA A 130 9.63 7.13 8.68
CA ALA A 130 10.71 6.78 9.58
C ALA A 130 11.28 7.99 10.32
N ALA A 131 11.38 9.12 9.62
CA ALA A 131 11.91 10.35 10.21
C ALA A 131 10.91 10.88 11.23
N ARG A 132 9.63 10.80 10.90
CA ARG A 132 8.60 11.27 11.82
C ARG A 132 8.52 10.37 13.05
N TYR A 133 8.92 9.12 12.88
CA TYR A 133 8.96 8.20 14.01
C TYR A 133 10.07 8.71 14.94
N LEU A 134 11.25 8.98 14.37
CA LEU A 134 12.34 9.62 15.10
C LEU A 134 11.92 10.92 15.76
N MET A 135 10.92 11.57 15.19
CA MET A 135 10.43 12.87 15.69
C MET A 135 9.34 12.69 16.72
N GLY A 136 9.04 11.45 17.08
CA GLY A 136 8.01 11.17 18.06
C GLY A 136 6.57 11.33 17.57
N SER A 137 6.38 11.52 16.26
CA SER A 137 5.04 11.77 15.73
C SER A 137 4.49 10.68 14.81
N MET A 138 5.13 9.51 14.81
CA MET A 138 4.56 8.33 14.17
C MET A 138 5.01 7.07 14.90
N THR A 139 4.10 6.10 15.02
CA THR A 139 4.39 4.85 15.72
C THR A 139 5.19 3.96 14.79
N PRO A 140 6.12 3.15 15.34
CA PRO A 140 6.93 2.29 14.47
C PRO A 140 6.09 1.20 13.75
N GLN A 141 4.89 0.90 14.24
CA GLN A 141 4.01 -0.06 13.56
C GLN A 141 3.37 0.55 12.31
N ALA A 142 3.13 1.85 12.34
CA ALA A 142 2.59 2.54 11.18
C ALA A 142 3.64 2.55 10.07
N VAL A 143 4.88 2.79 10.47
CA VAL A 143 6.02 2.77 9.56
C VAL A 143 6.16 1.45 8.82
N LEU A 144 6.07 0.35 9.57
CA LEU A 144 6.22 -0.97 8.96
C LEU A 144 4.98 -1.35 8.15
N ALA A 145 3.84 -0.75 8.47
CA ALA A 145 2.66 -0.87 7.61
C ALA A 145 2.90 -0.26 6.23
N PHE A 146 3.48 0.93 6.19
CA PHE A 146 3.86 1.57 4.93
C PHE A 146 4.93 0.76 4.21
N VAL A 147 5.89 0.25 4.97
CA VAL A 147 6.94 -0.60 4.41
C VAL A 147 6.32 -1.83 3.71
N ALA A 148 5.33 -2.43 4.37
CA ALA A 148 4.67 -3.62 3.88
C ALA A 148 3.95 -3.37 2.53
N LEU A 149 3.64 -2.11 2.26
CA LEU A 149 2.93 -1.72 1.04
C LEU A 149 3.83 -1.18 -0.08
N ILE A 150 5.15 -1.13 0.16
CA ILE A 150 6.09 -0.68 -0.86
C ILE A 150 6.00 -1.62 -2.04
N PRO A 151 5.70 -1.08 -3.23
CA PRO A 151 5.59 -1.89 -4.45
C PRO A 151 6.87 -2.66 -4.70
N PRO A 152 6.76 -3.84 -5.33
CA PRO A 152 7.96 -4.65 -5.56
C PRO A 152 8.92 -3.85 -6.44
N THR A 153 10.21 -4.04 -6.23
CA THR A 153 11.20 -3.23 -6.92
C THR A 153 11.37 -3.69 -8.35
N LEU A 154 10.89 -2.86 -9.28
CA LEU A 154 11.01 -3.15 -10.70
C LEU A 154 12.47 -3.10 -11.11
N PRO A 155 12.81 -3.72 -12.24
CA PRO A 155 14.14 -3.58 -12.83
C PRO A 155 14.45 -2.13 -13.18
N GLY A 156 15.73 -1.76 -13.20
CA GLY A 156 16.13 -0.41 -13.53
C GLY A 156 15.61 0.68 -12.60
N THR A 157 15.52 0.38 -11.31
CA THR A 157 15.12 1.38 -10.35
C THR A 157 16.35 2.12 -9.81
N ASN A 158 16.73 3.20 -10.49
CA ASN A 158 17.87 4.04 -10.11
C ASN A 158 17.42 5.19 -9.25
N ILE A 159 17.94 5.24 -8.02
CA ILE A 159 17.63 6.29 -7.05
C ILE A 159 18.87 7.18 -6.85
N VAL A 160 18.72 8.47 -7.13
CA VAL A 160 19.81 9.43 -6.85
C VAL A 160 19.59 10.07 -5.48
N LEU A 161 20.55 9.91 -4.59
CA LEU A 161 20.47 10.53 -3.27
C LEU A 161 21.46 11.70 -3.21
N GLY A 162 21.21 12.66 -2.33
CA GLY A 162 22.05 13.84 -2.28
C GLY A 162 23.10 13.82 -1.17
N ALA A 163 24.25 14.43 -1.43
CA ALA A 163 25.21 14.70 -0.38
C ALA A 163 25.34 16.22 -0.24
N LEU A 164 25.35 16.70 0.99
CA LEU A 164 25.48 18.12 1.27
C LEU A 164 25.79 18.26 2.77
N PRO A 165 26.88 18.96 3.11
CA PRO A 165 27.25 19.17 4.52
C PRO A 165 26.11 19.85 5.25
N GLU A 166 25.95 19.58 6.54
CA GLU A 166 24.77 20.03 7.27
C GLU A 166 24.53 21.54 7.23
N ASP A 167 25.59 22.33 7.42
CA ASP A 167 25.45 23.79 7.48
C ASP A 167 25.00 24.35 6.15
N ARG A 168 25.63 23.90 5.07
CA ARG A 168 25.23 24.28 3.74
C ARG A 168 23.78 23.89 3.45
N HIS A 169 23.37 22.73 3.97
CA HIS A 169 21.99 22.24 3.76
C HIS A 169 20.98 23.12 4.50
N ILE A 170 21.30 23.48 5.74
CA ILE A 170 20.51 24.45 6.50
C ILE A 170 20.29 25.77 5.74
N ASP A 171 21.34 26.28 5.09
CA ASP A 171 21.22 27.50 4.29
C ASP A 171 20.20 27.34 3.18
N ARG A 172 20.33 26.27 2.39
CA ARG A 172 19.38 25.99 1.32
C ARG A 172 17.94 25.76 1.80
N LEU A 173 17.78 24.95 2.84
CA LEU A 173 16.46 24.74 3.44
C LEU A 173 15.77 26.08 3.75
N ALA A 174 16.56 27.06 4.20
CA ALA A 174 16.04 28.37 4.58
C ALA A 174 15.42 29.12 3.40
N LYS A 175 15.84 28.77 2.19
CA LYS A 175 15.35 29.45 0.99
C LYS A 175 14.50 28.54 0.10
N ARG A 176 14.38 27.27 0.49
CA ARG A 176 13.63 26.27 -0.28
C ARG A 176 12.42 25.70 0.48
N GLN A 177 11.79 26.55 1.28
CA GLN A 177 10.62 26.17 2.09
C GLN A 177 9.29 26.12 1.33
N ARG A 178 8.73 24.93 1.22
CA ARG A 178 7.44 24.70 0.58
C ARG A 178 6.31 25.43 1.31
N PRO A 179 5.17 25.67 0.64
CA PRO A 179 4.07 26.39 1.30
C PRO A 179 3.52 25.65 2.53
N GLY A 180 3.48 26.33 3.67
CA GLY A 180 3.00 25.72 4.89
C GLY A 180 4.12 25.11 5.72
N GLU A 181 5.30 25.03 5.12
CA GLU A 181 6.45 24.41 5.77
C GLU A 181 7.02 25.26 6.91
N ARG A 182 7.54 24.60 7.94
CA ARG A 182 8.26 25.30 9.01
C ARG A 182 9.71 24.83 9.09
N LEU A 183 10.58 25.78 9.40
CA LEU A 183 11.99 25.49 9.48
C LEU A 183 12.20 24.69 10.76
N ASP A 184 12.64 23.45 10.61
CA ASP A 184 12.76 22.55 11.74
C ASP A 184 14.09 21.82 11.61
N LEU A 185 15.07 22.22 12.41
CA LEU A 185 16.41 21.66 12.34
C LEU A 185 16.45 20.25 12.92
N ALA A 186 15.53 19.94 13.82
CA ALA A 186 15.38 18.58 14.31
C ALA A 186 14.81 17.64 13.23
N MET A 187 13.75 18.05 12.53
CA MET A 187 13.27 17.23 11.41
C MET A 187 14.36 17.15 10.32
N LEU A 188 15.08 18.24 10.11
CA LEU A 188 16.18 18.23 9.15
C LEU A 188 17.19 17.14 9.46
N ALA A 189 17.61 17.07 10.71
CA ALA A 189 18.56 16.07 11.16
C ALA A 189 17.94 14.69 11.05
N ALA A 190 16.72 14.55 11.55
CA ALA A 190 15.99 13.26 11.44
C ALA A 190 15.95 12.75 10.00
N ILE A 191 15.58 13.62 9.08
CA ILE A 191 15.44 13.21 7.68
C ILE A 191 16.79 12.90 7.01
N ARG A 192 17.81 13.68 7.35
CA ARG A 192 19.17 13.43 6.87
C ARG A 192 19.71 12.08 7.39
N ARG A 193 19.40 11.75 8.63
CA ARG A 193 19.83 10.48 9.20
C ARG A 193 19.18 9.30 8.49
N VAL A 194 17.85 9.37 8.34
CA VAL A 194 17.11 8.34 7.62
C VAL A 194 17.70 8.09 6.23
N TYR A 195 17.91 9.14 5.45
CA TYR A 195 18.46 8.95 4.11
C TYR A 195 19.89 8.45 4.16
N GLY A 196 20.62 8.84 5.21
CA GLY A 196 21.94 8.28 5.48
C GLY A 196 21.87 6.79 5.80
N LEU A 197 21.00 6.41 6.73
CA LEU A 197 20.77 4.99 7.02
C LEU A 197 20.31 4.23 5.76
N LEU A 198 19.44 4.85 4.96
CA LEU A 198 18.95 4.25 3.72
C LEU A 198 20.08 3.86 2.77
N ALA A 199 21.01 4.78 2.52
CA ALA A 199 22.14 4.47 1.66
C ALA A 199 22.96 3.33 2.24
N ASN A 200 23.18 3.39 3.56
CA ASN A 200 23.92 2.31 4.25
C ASN A 200 23.20 0.98 4.11
N THR A 201 21.87 1.01 4.22
CA THR A 201 21.07 -0.21 4.17
C THR A 201 21.19 -0.92 2.83
N VAL A 202 21.10 -0.17 1.73
CA VAL A 202 21.30 -0.74 0.40
C VAL A 202 22.66 -1.43 0.29
N ARG A 203 23.73 -0.74 0.67
CA ARG A 203 25.07 -1.35 0.69
C ARG A 203 25.18 -2.61 1.56
N TYR A 204 24.66 -2.53 2.78
CA TYR A 204 24.60 -3.66 3.69
C TYR A 204 23.96 -4.88 3.03
N LEU A 205 22.80 -4.68 2.43
CA LEU A 205 22.05 -5.75 1.79
C LEU A 205 22.77 -6.28 0.54
N GLN A 206 23.28 -5.36 -0.28
CA GLN A 206 23.96 -5.72 -1.51
C GLN A 206 25.26 -6.48 -1.26
N CYS A 207 25.90 -6.22 -0.13
CA CYS A 207 27.16 -6.87 0.22
C CYS A 207 26.92 -8.19 0.97
N GLY A 208 25.67 -8.60 1.06
CA GLY A 208 25.35 -9.91 1.60
C GLY A 208 24.80 -9.92 3.01
N GLY A 209 24.59 -8.74 3.58
CA GLY A 209 24.12 -8.64 4.96
C GLY A 209 22.73 -9.25 5.19
N SER A 210 22.61 -10.02 6.27
CA SER A 210 21.33 -10.59 6.65
C SER A 210 20.89 -10.06 8.02
N TRP A 211 19.83 -9.27 8.03
CA TRP A 211 19.37 -8.65 9.27
C TRP A 211 19.07 -9.62 10.41
N ARG A 212 18.45 -10.75 10.09
CA ARG A 212 18.15 -11.77 11.10
C ARG A 212 19.43 -12.31 11.73
N GLU A 213 20.44 -12.58 10.90
CA GLU A 213 21.73 -13.02 11.41
C GLU A 213 22.44 -11.98 12.29
N ASP A 214 22.39 -10.71 11.90
CA ASP A 214 23.13 -9.64 12.61
C ASP A 214 22.33 -8.96 13.71
N TRP A 215 21.06 -9.33 13.82
CA TRP A 215 20.12 -8.64 14.73
C TRP A 215 20.59 -8.59 16.18
N GLY A 216 21.12 -9.71 16.67
CA GLY A 216 21.64 -9.78 18.02
C GLY A 216 22.70 -8.75 18.35
N GLN A 217 23.37 -8.22 17.31
CA GLN A 217 24.42 -7.23 17.50
C GLN A 217 23.86 -5.85 17.90
N LEU A 218 22.58 -5.64 17.63
CA LEU A 218 21.92 -4.40 18.05
C LEU A 218 21.75 -4.35 19.58
N SER A 219 21.85 -5.50 20.23
CA SER A 219 21.67 -5.58 21.68
C SER A 219 22.93 -6.00 22.41
N GLY A 220 23.98 -6.31 21.65
CA GLY A 220 25.26 -6.72 22.22
C GLY A 220 26.43 -6.08 21.50
N PRO A 236 32.50 -7.43 3.91
CA PRO A 236 32.72 -6.10 4.48
C PRO A 236 31.58 -5.14 4.09
N ARG A 237 30.91 -4.62 5.11
CA ARG A 237 29.65 -3.95 4.92
C ARG A 237 29.41 -3.13 6.17
N PRO A 238 28.47 -2.16 6.12
CA PRO A 238 28.19 -1.41 7.35
C PRO A 238 27.73 -2.32 8.49
N HIS A 239 27.86 -1.83 9.72
CA HIS A 239 27.30 -2.49 10.88
C HIS A 239 25.80 -2.26 10.86
N ILE A 240 25.04 -3.22 11.35
CA ILE A 240 23.58 -3.14 11.31
C ILE A 240 23.07 -1.95 12.12
N GLY A 241 23.85 -1.52 13.10
CA GLY A 241 23.51 -0.34 13.87
C GLY A 241 23.60 0.92 13.04
N ASP A 242 24.24 0.82 11.88
CA ASP A 242 24.29 1.91 10.93
C ASP A 242 23.38 1.68 9.71
N THR A 243 22.36 0.84 9.84
CA THR A 243 21.39 0.67 8.77
C THR A 243 20.01 1.03 9.29
N LEU A 244 19.01 1.02 8.41
CA LEU A 244 17.64 1.32 8.80
C LEU A 244 17.07 0.30 9.77
N PHE A 245 17.68 -0.89 9.82
CA PHE A 245 17.22 -1.93 10.74
C PHE A 245 17.34 -1.54 12.21
N THR A 246 18.32 -0.70 12.56
CA THR A 246 18.45 -0.28 13.95
C THR A 246 17.22 0.48 14.45
N LEU A 247 16.49 1.11 13.52
CA LEU A 247 15.33 1.89 13.92
C LEU A 247 14.20 1.00 14.46
N PHE A 248 14.20 -0.27 14.08
CA PHE A 248 13.07 -1.12 14.42
C PHE A 248 13.36 -2.02 15.63
N ARG A 249 14.42 -1.69 16.36
CA ARG A 249 14.66 -2.25 17.69
C ARG A 249 13.88 -1.37 18.67
N ALA A 250 12.64 -1.08 18.31
CA ALA A 250 11.74 -0.25 19.11
C ALA A 250 10.89 -1.14 20.01
N PRO A 251 10.73 -0.74 21.28
CA PRO A 251 10.06 -1.60 22.26
C PRO A 251 8.61 -1.93 21.90
N GLU A 252 7.98 -1.09 21.08
CA GLU A 252 6.62 -1.35 20.64
C GLU A 252 6.54 -2.62 19.80
N LEU A 253 7.66 -2.97 19.15
CA LEU A 253 7.69 -4.08 18.21
C LEU A 253 8.10 -5.38 18.85
N LEU A 254 8.34 -5.38 20.15
CA LEU A 254 9.01 -6.49 20.81
C LEU A 254 8.13 -7.21 21.82
N ALA A 255 8.26 -8.54 21.87
CA ALA A 255 7.54 -9.35 22.84
C ALA A 255 8.20 -9.17 24.22
N PRO A 256 7.51 -9.56 25.31
CA PRO A 256 8.07 -9.47 26.67
C PRO A 256 9.49 -10.03 26.83
N ASN A 257 9.90 -10.98 26.00
CA ASN A 257 11.24 -11.55 26.09
C ASN A 257 12.23 -10.91 25.14
N GLY A 258 11.84 -9.81 24.51
CA GLY A 258 12.74 -9.07 23.66
C GLY A 258 12.68 -9.40 22.18
N ASP A 259 12.06 -10.52 21.84
CA ASP A 259 11.96 -10.96 20.46
C ASP A 259 11.11 -10.00 19.66
N LEU A 260 11.45 -9.82 18.39
CA LEU A 260 10.58 -9.12 17.44
C LEU A 260 9.40 -10.02 17.18
N TYR A 261 8.19 -9.46 17.20
CA TYR A 261 7.04 -10.22 16.72
C TYR A 261 7.29 -10.56 15.26
N ASN A 262 6.80 -11.73 14.85
CA ASN A 262 7.03 -12.23 13.50
C ASN A 262 6.49 -11.31 12.42
N VAL A 263 5.36 -10.69 12.71
CA VAL A 263 4.66 -9.86 11.73
C VAL A 263 5.51 -8.63 11.38
N PHE A 264 6.33 -8.19 12.33
CA PHE A 264 7.21 -7.05 12.14
C PHE A 264 8.49 -7.53 11.48
N ALA A 265 8.97 -8.68 11.94
CA ALA A 265 10.11 -9.34 11.33
C ALA A 265 9.88 -9.57 9.84
N TRP A 266 8.69 -10.05 9.48
CA TRP A 266 8.32 -10.22 8.05
C TRP A 266 8.32 -8.88 7.30
N ALA A 267 7.82 -7.82 7.93
CA ALA A 267 7.90 -6.49 7.33
C ALA A 267 9.34 -6.08 7.09
N LEU A 268 10.25 -6.55 7.95
CA LEU A 268 11.68 -6.29 7.75
C LEU A 268 12.26 -7.12 6.60
N ASP A 269 11.74 -8.34 6.43
CA ASP A 269 12.07 -9.17 5.24
C ASP A 269 11.64 -8.53 3.93
N VAL A 270 10.48 -7.88 3.94
CA VAL A 270 10.03 -7.12 2.77
C VAL A 270 10.93 -5.93 2.50
N LEU A 271 11.25 -5.17 3.55
CA LEU A 271 12.12 -4.00 3.40
C LEU A 271 13.44 -4.39 2.77
N ALA A 272 14.00 -5.52 3.23
CA ALA A 272 15.26 -6.01 2.68
C ALA A 272 15.14 -6.39 1.20
N LYS A 273 14.07 -7.12 0.85
CA LYS A 273 13.82 -7.47 -0.54
C LYS A 273 13.73 -6.24 -1.43
N ARG A 274 13.01 -5.21 -0.97
CA ARG A 274 12.78 -4.00 -1.79
C ARG A 274 14.05 -3.18 -2.04
N LEU A 275 14.86 -2.99 -1.00
CA LEU A 275 16.02 -2.10 -1.07
C LEU A 275 17.23 -2.74 -1.73
N ARG A 276 17.35 -4.05 -1.59
CA ARG A 276 18.52 -4.78 -2.10
C ARG A 276 18.72 -4.58 -3.60
N SER A 277 17.62 -4.47 -4.35
CA SER A 277 17.71 -4.45 -5.80
C SER A 277 17.57 -3.04 -6.39
N MET A 278 17.58 -2.02 -5.53
CA MET A 278 17.65 -0.64 -5.98
C MET A 278 19.07 -0.29 -6.32
N HIS A 279 19.26 0.54 -7.34
CA HIS A 279 20.59 1.01 -7.69
C HIS A 279 20.70 2.45 -7.19
N VAL A 280 21.56 2.66 -6.20
CA VAL A 280 21.72 3.96 -5.56
C VAL A 280 22.90 4.75 -6.14
N PHE A 281 22.70 6.06 -6.35
CA PHE A 281 23.78 6.93 -6.83
C PHE A 281 23.82 8.20 -6.00
N ILE A 282 25.01 8.63 -5.62
CA ILE A 282 25.13 9.83 -4.79
C ILE A 282 25.47 11.08 -5.62
N LEU A 283 24.66 12.11 -5.46
CA LEU A 283 24.87 13.37 -6.15
C LEU A 283 25.29 14.41 -5.15
N ASP A 284 26.51 14.92 -5.32
CA ASP A 284 27.01 15.98 -4.46
C ASP A 284 26.29 17.27 -4.81
N TYR A 285 25.52 17.81 -3.86
CA TYR A 285 24.77 19.03 -4.14
C TYR A 285 25.55 20.29 -3.76
N ASP A 286 26.72 20.11 -3.15
CA ASP A 286 27.53 21.24 -2.69
C ASP A 286 28.31 21.86 -3.83
N GLN A 287 27.57 22.41 -4.80
CA GLN A 287 28.14 23.04 -5.96
C GLN A 287 27.05 23.84 -6.66
N SER A 288 27.42 24.51 -7.74
CA SER A 288 26.48 25.37 -8.48
C SER A 288 25.37 24.55 -9.14
N PRO A 289 24.18 25.15 -9.26
CA PRO A 289 23.01 24.52 -9.88
C PRO A 289 23.34 23.88 -11.22
N ALA A 290 24.22 24.54 -11.97
CA ALA A 290 24.66 24.03 -13.26
C ALA A 290 25.53 22.79 -13.09
N GLY A 291 26.40 22.83 -12.08
CA GLY A 291 27.29 21.73 -11.78
C GLY A 291 26.56 20.51 -11.25
N CYS A 292 25.50 20.73 -10.47
CA CYS A 292 24.64 19.66 -10.00
C CYS A 292 24.04 18.93 -11.19
N ARG A 293 23.57 19.70 -12.17
CA ARG A 293 22.98 19.14 -13.37
C ARG A 293 23.98 18.32 -14.16
N ASP A 294 25.19 18.84 -14.29
CA ASP A 294 26.25 18.17 -15.03
C ASP A 294 26.60 16.85 -14.37
N ALA A 295 26.72 16.89 -13.04
CA ALA A 295 27.02 15.71 -12.25
C ALA A 295 25.92 14.66 -12.39
N LEU A 296 24.68 15.09 -12.34
CA LEU A 296 23.55 14.20 -12.56
C LEU A 296 23.58 13.53 -13.94
N LEU A 297 24.06 14.26 -14.94
CA LEU A 297 24.12 13.72 -16.30
C LEU A 297 25.15 12.60 -16.44
N GLN A 298 26.34 12.80 -15.87
CA GLN A 298 27.39 11.78 -15.93
C GLN A 298 27.11 10.60 -15.00
N LEU A 299 26.23 10.83 -14.03
CA LEU A 299 25.80 9.77 -13.12
C LEU A 299 24.96 8.76 -13.88
N THR A 300 24.34 9.20 -14.98
CA THR A 300 23.42 8.36 -15.75
C THR A 300 24.13 7.25 -16.51
N SER A 301 25.44 7.43 -16.72
CA SER A 301 26.21 6.44 -17.46
C SER A 301 26.23 5.08 -16.76
N GLY A 302 26.13 5.09 -15.43
CA GLY A 302 26.12 3.85 -14.66
C GLY A 302 24.74 3.29 -14.34
N MET A 303 23.70 3.94 -14.82
CA MET A 303 22.34 3.58 -14.45
C MET A 303 21.80 2.44 -15.30
N VAL A 304 20.79 1.74 -14.77
CA VAL A 304 20.30 0.56 -15.44
C VAL A 304 19.08 0.90 -16.28
N GLN A 305 19.12 0.52 -17.54
CA GLN A 305 17.99 0.69 -18.44
C GLN A 305 17.22 -0.60 -18.53
N THR A 306 15.96 -0.50 -18.90
CA THR A 306 15.15 -1.67 -19.11
C THR A 306 14.47 -1.57 -20.47
N HIS A 307 14.04 -2.71 -20.99
CA HIS A 307 13.17 -2.70 -22.13
C HIS A 307 11.78 -2.39 -21.61
N VAL A 308 10.88 -2.01 -22.50
CA VAL A 308 9.46 -1.92 -22.17
C VAL A 308 8.76 -3.18 -22.70
N THR A 309 7.50 -3.38 -22.33
CA THR A 309 6.78 -4.62 -22.62
C THR A 309 5.93 -4.62 -23.89
N THR A 310 5.52 -3.44 -24.36
CA THR A 310 4.72 -3.35 -25.60
C THR A 310 5.31 -2.32 -26.54
N PRO A 311 4.97 -2.42 -27.84
CA PRO A 311 5.39 -1.40 -28.80
C PRO A 311 4.97 -0.01 -28.36
N GLY A 312 3.72 0.14 -27.94
CA GLY A 312 3.20 1.44 -27.58
C GLY A 312 3.47 1.87 -26.14
N SER A 313 4.34 1.14 -25.44
CA SER A 313 4.66 1.52 -24.06
C SER A 313 5.30 2.90 -24.00
N ILE A 314 6.23 3.17 -24.90
CA ILE A 314 6.97 4.45 -24.86
C ILE A 314 6.09 5.70 -24.91
N PRO A 315 5.20 5.82 -25.92
CA PRO A 315 4.42 7.06 -25.93
C PRO A 315 3.34 7.08 -24.83
N THR A 316 2.82 5.92 -24.45
CA THR A 316 1.90 5.81 -23.32
C THR A 316 2.58 6.31 -22.02
N ILE A 317 3.78 5.81 -21.75
CA ILE A 317 4.57 6.25 -20.60
C ILE A 317 4.81 7.76 -20.63
N CYS A 318 5.11 8.27 -21.83
CA CYS A 318 5.28 9.70 -22.07
C CYS A 318 4.05 10.51 -21.68
N ASP A 319 2.88 10.06 -22.13
CA ASP A 319 1.61 10.70 -21.84
C ASP A 319 1.33 10.72 -20.33
N LEU A 320 1.61 9.61 -19.66
CA LEU A 320 1.45 9.50 -18.20
C LEU A 320 2.28 10.58 -17.52
N ALA A 321 3.58 10.57 -17.81
CA ALA A 321 4.51 11.53 -17.25
C ALA A 321 4.15 13.00 -17.52
N ARG A 322 3.73 13.30 -18.75
CA ARG A 322 3.42 14.68 -19.12
C ARG A 322 2.13 15.17 -18.45
N THR A 323 1.15 14.27 -18.38
CA THR A 323 -0.15 14.54 -17.74
C THR A 323 -0.03 14.72 -16.21
N PHE A 324 0.79 13.87 -15.58
CA PHE A 324 1.15 14.02 -14.16
C PHE A 324 1.75 15.40 -13.98
N ALA A 325 2.77 15.69 -14.79
CA ALA A 325 3.46 16.98 -14.74
C ALA A 325 2.48 18.14 -14.80
N ARG A 326 1.58 18.08 -15.78
CA ARG A 326 0.63 19.15 -16.07
C ARG A 326 -0.42 19.32 -14.98
N GLU A 327 -0.92 18.20 -14.47
CA GLU A 327 -2.01 18.18 -13.51
C GLU A 327 -1.54 18.43 -12.07
N MET A 328 -0.38 17.90 -11.71
CA MET A 328 0.00 17.96 -10.30
C MET A 328 1.24 18.78 -9.91
N GLY A 329 2.16 18.99 -10.85
CA GLY A 329 3.30 19.85 -10.60
C GLY A 329 2.83 21.27 -10.36
N GLU A 330 3.48 22.01 -9.48
CA GLU A 330 3.10 23.39 -9.24
C GLU A 330 3.51 24.28 -10.42
N MET B 2 5.94 -29.78 -10.37
CA MET B 2 5.84 -29.05 -9.10
C MET B 2 4.61 -29.49 -8.30
N PRO B 3 4.72 -29.48 -6.96
CA PRO B 3 3.56 -29.68 -6.09
C PRO B 3 2.71 -28.43 -6.14
N THR B 4 1.39 -28.55 -5.98
CA THR B 4 0.52 -27.40 -6.18
C THR B 4 -0.07 -26.86 -4.88
N LEU B 5 -0.52 -25.62 -4.95
CA LEU B 5 -1.07 -24.91 -3.81
C LEU B 5 -2.47 -24.42 -4.15
N LEU B 6 -3.36 -24.46 -3.15
CA LEU B 6 -4.68 -23.89 -3.31
C LEU B 6 -4.89 -22.85 -2.22
N ARG B 7 -5.07 -21.61 -2.64
CA ARG B 7 -5.36 -20.53 -1.71
C ARG B 7 -6.80 -20.11 -1.84
N VAL B 8 -7.49 -20.02 -0.71
CA VAL B 8 -8.89 -19.67 -0.70
C VAL B 8 -9.09 -18.59 0.35
N TYR B 9 -9.60 -17.44 -0.08
CA TYR B 9 -9.87 -16.30 0.80
C TYR B 9 -11.37 -16.18 1.03
N ILE B 10 -11.76 -16.28 2.29
CA ILE B 10 -13.16 -16.19 2.66
C ILE B 10 -13.39 -14.76 3.11
N ASP B 11 -14.19 -14.01 2.36
CA ASP B 11 -14.33 -12.59 2.66
C ASP B 11 -15.78 -12.15 2.61
N GLY B 12 -16.04 -10.92 3.06
CA GLY B 12 -17.37 -10.35 3.00
C GLY B 12 -17.67 -9.51 4.23
N PRO B 13 -18.90 -8.99 4.31
CA PRO B 13 -19.28 -8.28 5.53
C PRO B 13 -19.12 -9.17 6.77
N HIS B 14 -18.78 -8.52 7.89
CA HIS B 14 -18.68 -9.20 9.18
C HIS B 14 -20.04 -9.68 9.62
N GLY B 15 -20.06 -10.72 10.45
CA GLY B 15 -21.27 -11.17 11.08
C GLY B 15 -22.08 -12.16 10.25
N MET B 16 -21.49 -12.68 9.19
CA MET B 16 -22.17 -13.67 8.36
C MET B 16 -21.89 -15.11 8.80
N GLY B 17 -20.74 -15.34 9.42
CA GLY B 17 -20.36 -16.68 9.86
C GLY B 17 -19.15 -17.24 9.12
N LYS B 18 -18.41 -16.34 8.47
CA LYS B 18 -17.23 -16.71 7.70
C LYS B 18 -16.18 -17.42 8.53
N THR B 19 -15.96 -16.93 9.74
CA THR B 19 -14.87 -17.42 10.58
C THR B 19 -15.16 -18.84 11.05
N THR B 20 -16.40 -19.07 11.49
CA THR B 20 -16.85 -20.41 11.81
C THR B 20 -16.65 -21.36 10.63
N THR B 21 -17.01 -20.90 9.44
CA THR B 21 -17.06 -21.79 8.28
C THR B 21 -15.66 -22.22 7.90
N THR B 22 -14.77 -21.24 7.87
CA THR B 22 -13.35 -21.48 7.64
C THR B 22 -12.77 -22.57 8.54
N GLN B 23 -13.08 -22.49 9.83
CA GLN B 23 -12.58 -23.47 10.81
C GLN B 23 -13.18 -24.86 10.62
N LEU B 24 -14.48 -24.92 10.36
CA LEU B 24 -15.12 -26.19 10.07
C LEU B 24 -14.51 -26.85 8.83
N LEU B 25 -14.21 -26.04 7.82
CA LEU B 25 -13.58 -26.54 6.61
C LEU B 25 -12.20 -27.16 6.89
N VAL B 26 -11.39 -26.43 7.63
CA VAL B 26 -10.04 -26.86 7.96
C VAL B 26 -10.06 -28.09 8.86
N ALA B 27 -11.08 -28.19 9.72
CA ALA B 27 -11.17 -29.30 10.66
C ALA B 27 -11.38 -30.66 9.96
N LEU B 28 -11.86 -30.62 8.73
CA LEU B 28 -12.09 -31.81 7.90
C LEU B 28 -10.79 -32.40 7.34
N GLY B 29 -9.82 -31.55 7.07
CA GLY B 29 -8.60 -31.97 6.39
C GLY B 29 -7.58 -32.57 7.35
N SER B 30 -6.54 -33.17 6.78
CA SER B 30 -5.42 -33.64 7.59
C SER B 30 -4.69 -32.42 8.13
N ARG B 31 -3.99 -32.61 9.24
CA ARG B 31 -3.29 -31.52 9.90
C ARG B 31 -2.32 -30.81 8.94
N ASP B 32 -1.54 -31.59 8.20
CA ASP B 32 -0.45 -31.01 7.40
C ASP B 32 -0.75 -30.71 5.93
N ASP B 33 -2.00 -30.85 5.50
CA ASP B 33 -2.31 -30.49 4.11
C ASP B 33 -3.31 -29.33 3.94
N ILE B 34 -3.89 -28.88 5.05
CA ILE B 34 -4.71 -27.69 5.06
C ILE B 34 -4.34 -26.79 6.26
N VAL B 35 -4.28 -25.48 6.04
CA VAL B 35 -3.96 -24.54 7.12
C VAL B 35 -4.90 -23.34 7.14
N TYR B 36 -5.18 -22.86 8.34
CA TYR B 36 -6.08 -21.75 8.63
C TYR B 36 -5.28 -20.48 8.90
N VAL B 37 -5.61 -19.42 8.18
CA VAL B 37 -5.02 -18.11 8.44
C VAL B 37 -6.10 -17.15 8.92
N PRO B 38 -6.15 -16.92 10.24
CA PRO B 38 -7.28 -16.26 10.88
C PRO B 38 -7.23 -14.76 10.72
N GLU B 39 -8.26 -14.07 11.19
CA GLU B 39 -8.17 -12.61 11.34
C GLU B 39 -7.07 -12.31 12.36
N PRO B 40 -6.18 -11.36 12.06
CA PRO B 40 -5.09 -11.01 12.97
C PRO B 40 -5.60 -10.18 14.14
N MET B 41 -6.50 -10.75 14.94
CA MET B 41 -7.13 -10.04 16.04
C MET B 41 -6.14 -9.51 17.06
N THR B 42 -5.12 -10.29 17.37
CA THR B 42 -4.13 -9.86 18.35
C THR B 42 -3.39 -8.62 17.82
N TYR B 43 -3.13 -8.58 16.52
CA TYR B 43 -2.49 -7.40 15.91
C TYR B 43 -3.40 -6.19 16.01
N TRP B 44 -4.66 -6.38 15.63
CA TRP B 44 -5.67 -5.35 15.75
C TRP B 44 -5.86 -4.80 17.17
N ARG B 45 -5.72 -5.68 18.16
CA ARG B 45 -6.13 -5.33 19.51
C ARG B 45 -4.97 -4.87 20.37
N VAL B 46 -3.77 -5.38 20.10
CA VAL B 46 -2.61 -5.11 20.95
C VAL B 46 -1.35 -4.70 20.19
N LEU B 47 -0.88 -5.57 19.29
CA LEU B 47 0.45 -5.40 18.69
C LEU B 47 0.57 -4.15 17.81
N GLY B 48 -0.33 -4.01 16.84
CA GLY B 48 -0.29 -2.88 15.92
C GLY B 48 -0.72 -1.56 16.53
N ALA B 49 -1.76 -1.60 17.33
CA ALA B 49 -2.23 -0.44 18.06
C ALA B 49 -3.10 -0.99 19.18
N SER B 50 -3.67 -0.12 20.01
CA SER B 50 -4.52 -0.56 21.09
C SER B 50 -6.01 -0.54 20.70
N GLU B 51 -6.66 -1.70 20.79
CA GLU B 51 -8.11 -1.81 20.53
C GLU B 51 -8.59 -1.05 19.29
N THR B 52 -7.96 -1.32 18.14
CA THR B 52 -8.32 -0.67 16.89
C THR B 52 -9.79 -0.79 16.47
N ILE B 53 -10.36 -1.98 16.63
CA ILE B 53 -11.77 -2.19 16.27
C ILE B 53 -12.66 -1.28 17.13
N ALA B 54 -12.35 -1.19 18.41
CA ALA B 54 -13.07 -0.31 19.33
C ALA B 54 -12.97 1.14 18.88
N ASN B 55 -11.75 1.54 18.57
CA ASN B 55 -11.47 2.86 17.99
C ASN B 55 -12.36 3.16 16.78
N ILE B 56 -12.38 2.25 15.82
CA ILE B 56 -13.18 2.42 14.60
C ILE B 56 -14.66 2.67 14.90
N TYR B 57 -15.27 1.80 15.70
CA TYR B 57 -16.70 1.95 15.99
C TYR B 57 -17.02 3.15 16.88
N THR B 58 -16.13 3.49 17.81
CA THR B 58 -16.33 4.66 18.67
C THR B 58 -16.22 5.95 17.86
N THR B 59 -15.24 6.01 16.96
CA THR B 59 -15.08 7.14 16.04
C THR B 59 -16.32 7.41 15.17
N GLN B 60 -16.87 6.38 14.54
CA GLN B 60 -18.10 6.54 13.76
C GLN B 60 -19.24 7.07 14.60
N HIS B 61 -19.39 6.49 15.79
CA HIS B 61 -20.42 6.87 16.75
C HIS B 61 -20.30 8.34 17.13
N ARG B 62 -19.09 8.80 17.43
CA ARG B 62 -18.87 10.20 17.80
C ARG B 62 -19.10 11.13 16.63
N LEU B 63 -18.92 10.63 15.41
CA LEU B 63 -19.20 11.43 14.23
C LEU B 63 -20.72 11.55 14.09
N ASP B 64 -21.39 10.42 14.21
CA ASP B 64 -22.85 10.37 14.18
C ASP B 64 -23.48 11.32 15.19
N GLN B 65 -22.93 11.34 16.40
CA GLN B 65 -23.47 12.18 17.47
C GLN B 65 -23.07 13.65 17.30
N GLY B 66 -22.14 13.90 16.39
CA GLY B 66 -21.70 15.26 16.11
C GLY B 66 -20.76 15.81 17.17
N GLU B 67 -19.98 14.93 17.79
CA GLU B 67 -19.01 15.32 18.81
C GLU B 67 -17.62 15.55 18.21
N ILE B 68 -17.40 15.02 17.01
CA ILE B 68 -16.17 15.24 16.27
C ILE B 68 -16.55 15.55 14.83
N SER B 69 -15.69 16.29 14.14
CA SER B 69 -15.97 16.71 12.77
C SER B 69 -15.71 15.55 11.80
N ALA B 70 -16.08 15.75 10.54
CA ALA B 70 -15.82 14.75 9.51
C ALA B 70 -14.32 14.60 9.34
N GLY B 71 -13.61 15.72 9.39
CA GLY B 71 -12.17 15.71 9.22
C GLY B 71 -11.43 14.98 10.32
N ASP B 72 -11.92 15.08 11.56
CA ASP B 72 -11.27 14.40 12.68
C ASP B 72 -11.52 12.90 12.60
N ALA B 73 -12.74 12.54 12.17
CA ALA B 73 -13.10 11.14 12.03
C ALA B 73 -12.27 10.52 10.93
N ALA B 74 -12.08 11.29 9.85
CA ALA B 74 -11.33 10.84 8.69
C ALA B 74 -9.88 10.48 9.02
N VAL B 75 -9.20 11.32 9.79
CA VAL B 75 -7.80 11.01 10.12
C VAL B 75 -7.69 9.78 11.01
N VAL B 76 -8.69 9.55 11.87
CA VAL B 76 -8.68 8.40 12.76
C VAL B 76 -9.03 7.10 12.01
N MET B 77 -10.08 7.16 11.19
CA MET B 77 -10.44 6.04 10.34
C MET B 77 -9.29 5.62 9.44
N THR B 78 -8.71 6.59 8.75
CA THR B 78 -7.64 6.32 7.80
C THR B 78 -6.45 5.58 8.43
N SER B 79 -5.96 6.07 9.56
CA SER B 79 -4.79 5.45 10.19
C SER B 79 -5.16 4.13 10.86
N ALA B 80 -6.38 4.04 11.37
CA ALA B 80 -6.90 2.78 11.88
C ALA B 80 -7.00 1.71 10.80
N GLN B 81 -7.43 2.10 9.60
CA GLN B 81 -7.49 1.16 8.48
C GLN B 81 -6.11 0.72 8.00
N ILE B 82 -5.14 1.61 8.10
CA ILE B 82 -3.75 1.26 7.85
C ILE B 82 -3.30 0.17 8.81
N THR B 83 -3.69 0.31 10.07
CA THR B 83 -3.37 -0.69 11.09
C THR B 83 -4.08 -2.01 10.79
N MET B 84 -5.38 -1.92 10.50
CA MET B 84 -6.18 -3.11 10.14
C MET B 84 -5.56 -3.94 9.03
N GLY B 85 -4.94 -3.29 8.07
CA GLY B 85 -4.51 -4.00 6.88
C GLY B 85 -3.11 -4.53 6.90
N MET B 86 -2.30 -4.05 7.83
CA MET B 86 -0.88 -4.40 7.87
C MET B 86 -0.57 -5.92 7.78
N PRO B 87 -1.17 -6.74 8.67
CA PRO B 87 -0.85 -8.17 8.59
C PRO B 87 -1.26 -8.82 7.27
N TYR B 88 -2.30 -8.30 6.63
CA TYR B 88 -2.74 -8.87 5.36
C TYR B 88 -1.72 -8.53 4.29
N ALA B 89 -1.23 -7.29 4.32
CA ALA B 89 -0.20 -6.84 3.39
C ALA B 89 1.14 -7.56 3.57
N VAL B 90 1.64 -7.71 4.81
CA VAL B 90 2.96 -8.34 4.98
C VAL B 90 2.90 -9.78 4.52
N THR B 91 1.84 -10.47 4.94
CA THR B 91 1.61 -11.86 4.56
C THR B 91 1.55 -12.04 3.05
N ASP B 92 0.76 -11.20 2.38
CA ASP B 92 0.71 -11.24 0.92
C ASP B 92 2.10 -11.02 0.31
N ALA B 93 2.85 -10.08 0.89
CA ALA B 93 4.16 -9.74 0.34
C ALA B 93 5.16 -10.89 0.50
N VAL B 94 5.11 -11.59 1.63
CA VAL B 94 6.03 -12.70 1.85
C VAL B 94 5.57 -14.01 1.19
N LEU B 95 4.27 -14.16 0.96
CA LEU B 95 3.78 -15.30 0.21
C LEU B 95 4.16 -15.16 -1.26
N ALA B 96 4.06 -13.92 -1.77
CA ALA B 96 4.23 -13.62 -3.19
C ALA B 96 5.36 -14.35 -3.94
N PRO B 97 6.60 -14.32 -3.42
CA PRO B 97 7.68 -14.99 -4.18
C PRO B 97 7.50 -16.51 -4.32
N HIS B 98 6.60 -17.10 -3.54
CA HIS B 98 6.40 -18.54 -3.55
C HIS B 98 5.35 -19.01 -4.54
N ILE B 99 4.58 -18.08 -5.08
CA ILE B 99 3.46 -18.46 -5.95
C ILE B 99 3.90 -18.54 -7.39
N GLY B 100 3.56 -19.65 -8.06
CA GLY B 100 3.88 -19.84 -9.46
C GLY B 100 2.65 -19.74 -10.33
N GLY B 101 2.72 -20.33 -11.52
CA GLY B 101 1.61 -20.25 -12.46
C GLY B 101 0.40 -21.08 -12.07
N GLU B 102 -0.77 -20.70 -12.57
CA GLU B 102 -1.99 -21.46 -12.35
C GLU B 102 -1.85 -22.86 -12.93
N ALA B 103 -2.50 -23.82 -12.27
CA ALA B 103 -2.40 -25.22 -12.65
C ALA B 103 -3.78 -25.85 -12.81
N PRO B 109 -6.84 -33.69 -9.11
CA PRO B 109 -5.41 -33.68 -8.77
C PRO B 109 -5.16 -32.89 -7.48
N PRO B 110 -5.36 -33.52 -6.30
CA PRO B 110 -5.31 -32.87 -4.99
C PRO B 110 -4.07 -31.98 -4.79
N PRO B 111 -4.26 -30.78 -4.26
CA PRO B 111 -3.14 -29.87 -3.96
C PRO B 111 -2.32 -30.35 -2.78
N ALA B 112 -1.01 -30.10 -2.82
CA ALA B 112 -0.13 -30.50 -1.73
C ALA B 112 -0.46 -29.74 -0.46
N LEU B 113 -0.92 -28.50 -0.63
CA LEU B 113 -1.27 -27.63 0.50
C LEU B 113 -2.47 -26.76 0.17
N THR B 114 -3.40 -26.65 1.11
CA THR B 114 -4.50 -25.70 0.97
C THR B 114 -4.41 -24.66 2.10
N LEU B 115 -4.42 -23.38 1.72
CA LEU B 115 -4.46 -22.29 2.69
C LEU B 115 -5.84 -21.66 2.68
N ILE B 116 -6.54 -21.70 3.80
CA ILE B 116 -7.82 -21.01 3.91
C ILE B 116 -7.62 -19.71 4.70
N PHE B 117 -7.79 -18.57 4.02
CA PHE B 117 -7.61 -17.28 4.65
C PHE B 117 -8.94 -16.73 5.15
N ASP B 118 -8.90 -16.11 6.33
CA ASP B 118 -10.02 -15.31 6.80
C ASP B 118 -9.80 -13.87 6.31
N ARG B 119 -10.51 -13.53 5.23
CA ARG B 119 -10.37 -12.26 4.52
C ARG B 119 -9.15 -12.16 3.59
N HIS B 120 -9.32 -11.40 2.50
CA HIS B 120 -8.26 -11.02 1.57
C HIS B 120 -7.78 -9.61 1.94
N PRO B 121 -6.57 -9.22 1.52
CA PRO B 121 -6.09 -7.84 1.64
C PRO B 121 -7.07 -6.76 1.16
N ILE B 122 -7.94 -7.05 0.20
CA ILE B 122 -8.86 -6.02 -0.30
C ILE B 122 -9.96 -5.63 0.68
N ALA B 123 -10.15 -6.44 1.72
CA ALA B 123 -11.10 -6.08 2.77
C ALA B 123 -10.63 -4.81 3.48
N ALA B 124 -9.38 -4.81 3.93
CA ALA B 124 -8.85 -3.65 4.66
C ALA B 124 -8.37 -2.54 3.73
N LEU B 125 -7.91 -2.89 2.54
CA LEU B 125 -7.41 -1.92 1.57
C LEU B 125 -8.44 -1.36 0.58
N LEU B 126 -9.69 -1.85 0.63
CA LEU B 126 -10.72 -1.38 -0.32
C LEU B 126 -12.12 -1.36 0.29
N CYS B 127 -12.59 -2.48 0.82
CA CYS B 127 -13.99 -2.61 1.18
C CYS B 127 -14.43 -1.79 2.38
N TYR B 128 -13.74 -1.95 3.51
CA TYR B 128 -14.03 -1.14 4.68
C TYR B 128 -13.75 0.35 4.48
N PRO B 129 -12.63 0.71 3.84
CA PRO B 129 -12.45 2.12 3.45
C PRO B 129 -13.61 2.64 2.62
N ALA B 130 -14.01 1.91 1.58
CA ALA B 130 -15.10 2.35 0.74
C ALA B 130 -16.38 2.50 1.55
N ALA B 131 -16.61 1.59 2.50
CA ALA B 131 -17.83 1.63 3.29
C ALA B 131 -17.81 2.77 4.28
N ARG B 132 -16.63 3.04 4.84
CA ARG B 132 -16.46 4.20 5.73
C ARG B 132 -16.61 5.52 4.98
N TYR B 133 -16.18 5.52 3.72
CA TYR B 133 -16.44 6.68 2.88
C TYR B 133 -17.94 6.92 2.79
N LEU B 134 -18.71 5.89 2.44
CA LEU B 134 -20.17 6.00 2.42
C LEU B 134 -20.74 6.41 3.78
N MET B 135 -20.05 6.04 4.86
CA MET B 135 -20.48 6.42 6.21
C MET B 135 -20.04 7.83 6.57
N GLY B 136 -19.36 8.50 5.64
CA GLY B 136 -18.91 9.86 5.84
C GLY B 136 -17.74 10.01 6.80
N SER B 137 -17.01 8.93 7.04
CA SER B 137 -15.89 8.95 7.97
C SER B 137 -14.53 8.80 7.26
N MET B 138 -14.55 8.77 5.93
CA MET B 138 -13.32 8.81 5.13
C MET B 138 -13.55 9.56 3.82
N THR B 139 -12.49 10.16 3.30
CA THR B 139 -12.54 10.88 2.04
C THR B 139 -12.37 9.88 0.90
N PRO B 140 -12.94 10.18 -0.28
CA PRO B 140 -12.79 9.21 -1.37
C PRO B 140 -11.36 9.19 -1.89
N GLN B 141 -10.66 10.30 -1.73
CA GLN B 141 -9.25 10.40 -2.07
C GLN B 141 -8.41 9.41 -1.27
N ALA B 142 -8.73 9.26 0.00
CA ALA B 142 -7.93 8.36 0.83
C ALA B 142 -8.28 6.92 0.47
N VAL B 143 -9.56 6.66 0.23
CA VAL B 143 -9.96 5.36 -0.27
C VAL B 143 -9.16 4.97 -1.51
N LEU B 144 -8.94 5.95 -2.41
CA LEU B 144 -8.21 5.70 -3.65
C LEU B 144 -6.70 5.52 -3.44
N ALA B 145 -6.20 6.07 -2.33
CA ALA B 145 -4.82 5.90 -1.93
C ALA B 145 -4.58 4.47 -1.44
N PHE B 146 -5.52 3.96 -0.65
CA PHE B 146 -5.55 2.54 -0.29
C PHE B 146 -5.63 1.64 -1.54
N VAL B 147 -6.52 1.98 -2.48
CA VAL B 147 -6.68 1.24 -3.74
C VAL B 147 -5.38 1.15 -4.52
N ALA B 148 -4.70 2.28 -4.66
CA ALA B 148 -3.44 2.32 -5.40
C ALA B 148 -2.35 1.48 -4.73
N LEU B 149 -2.50 1.20 -3.44
CA LEU B 149 -1.53 0.40 -2.69
C LEU B 149 -1.93 -1.08 -2.59
N ILE B 150 -3.04 -1.44 -3.22
CA ILE B 150 -3.42 -2.85 -3.31
C ILE B 150 -2.32 -3.60 -4.07
N PRO B 151 -1.80 -4.67 -3.45
CA PRO B 151 -0.72 -5.47 -4.05
C PRO B 151 -1.15 -6.16 -5.33
N PRO B 152 -0.19 -6.48 -6.22
CA PRO B 152 -0.53 -7.12 -7.47
C PRO B 152 -1.26 -8.42 -7.16
N THR B 153 -2.28 -8.74 -7.94
CA THR B 153 -3.10 -9.90 -7.67
C THR B 153 -2.39 -11.17 -8.13
N LEU B 154 -1.98 -11.97 -7.14
CA LEU B 154 -1.26 -13.20 -7.39
C LEU B 154 -2.13 -14.15 -8.19
N PRO B 155 -1.50 -15.07 -8.94
CA PRO B 155 -2.24 -16.14 -9.61
C PRO B 155 -2.99 -16.99 -8.59
N GLY B 156 -4.13 -17.55 -9.00
CA GLY B 156 -4.90 -18.45 -8.15
C GLY B 156 -5.53 -17.78 -6.95
N THR B 157 -5.97 -16.54 -7.12
CA THR B 157 -6.63 -15.81 -6.05
C THR B 157 -8.11 -16.10 -6.09
N ASN B 158 -8.53 -17.05 -5.27
CA ASN B 158 -9.93 -17.40 -5.15
C ASN B 158 -10.53 -16.69 -3.96
N ILE B 159 -11.53 -15.86 -4.21
CA ILE B 159 -12.18 -15.15 -3.13
C ILE B 159 -13.62 -15.62 -3.01
N VAL B 160 -14.00 -16.05 -1.83
CA VAL B 160 -15.38 -16.43 -1.59
C VAL B 160 -16.09 -15.33 -0.84
N LEU B 161 -17.10 -14.74 -1.47
CA LEU B 161 -17.93 -13.75 -0.82
C LEU B 161 -19.26 -14.38 -0.40
N GLY B 162 -19.91 -13.81 0.60
CA GLY B 162 -21.13 -14.38 1.12
C GLY B 162 -22.43 -13.75 0.65
N ALA B 163 -23.48 -14.56 0.62
CA ALA B 163 -24.84 -14.07 0.45
C ALA B 163 -25.67 -14.40 1.69
N LEU B 164 -26.51 -13.46 2.09
CA LEU B 164 -27.30 -13.57 3.31
C LEU B 164 -28.37 -12.50 3.29
N PRO B 165 -29.63 -12.89 3.48
CA PRO B 165 -30.68 -11.86 3.47
C PRO B 165 -30.43 -10.85 4.59
N GLU B 166 -30.64 -9.57 4.30
CA GLU B 166 -30.35 -8.51 5.26
C GLU B 166 -31.12 -8.73 6.57
N ASP B 167 -32.30 -9.35 6.44
CA ASP B 167 -33.12 -9.69 7.60
C ASP B 167 -32.37 -10.64 8.54
N ARG B 168 -31.87 -11.74 7.99
CA ARG B 168 -31.08 -12.71 8.74
C ARG B 168 -29.80 -12.09 9.26
N HIS B 169 -29.15 -11.28 8.43
CA HIS B 169 -27.86 -10.67 8.78
C HIS B 169 -27.98 -9.79 10.02
N ILE B 170 -28.98 -8.92 10.03
CA ILE B 170 -29.24 -8.02 11.16
C ILE B 170 -29.47 -8.80 12.44
N ASP B 171 -30.34 -9.81 12.38
CA ASP B 171 -30.57 -10.70 13.51
C ASP B 171 -29.26 -11.31 13.98
N ARG B 172 -28.53 -11.91 13.05
CA ARG B 172 -27.27 -12.56 13.38
C ARG B 172 -26.34 -11.55 14.04
N LEU B 173 -26.27 -10.33 13.50
CA LEU B 173 -25.40 -9.30 14.04
C LEU B 173 -25.85 -8.83 15.43
N ALA B 174 -27.16 -8.73 15.63
CA ALA B 174 -27.71 -8.22 16.89
C ALA B 174 -27.46 -9.18 18.06
N LYS B 175 -27.25 -10.45 17.76
CA LYS B 175 -26.94 -11.43 18.80
C LYS B 175 -25.46 -11.39 19.16
N ARG B 176 -24.62 -11.04 18.19
CA ARG B 176 -23.19 -11.02 18.39
C ARG B 176 -22.76 -9.98 19.43
N GLN B 177 -21.60 -10.21 20.02
CA GLN B 177 -20.98 -9.25 20.94
C GLN B 177 -19.46 -9.37 20.85
N ARG B 178 -18.87 -8.68 19.88
CA ARG B 178 -17.42 -8.64 19.71
C ARG B 178 -16.87 -7.38 20.40
N PRO B 179 -15.69 -7.51 21.06
CA PRO B 179 -15.18 -6.40 21.89
C PRO B 179 -14.72 -5.19 21.07
N GLY B 180 -15.37 -4.07 21.32
CA GLY B 180 -15.10 -2.85 20.58
C GLY B 180 -16.21 -2.53 19.60
N GLU B 181 -16.93 -3.55 19.15
CA GLU B 181 -17.99 -3.32 18.17
C GLU B 181 -19.22 -2.67 18.80
N ARG B 182 -19.83 -1.76 18.05
CA ARG B 182 -21.16 -1.25 18.38
C ARG B 182 -22.09 -1.63 17.23
N LEU B 183 -23.32 -2.04 17.56
CA LEU B 183 -24.29 -2.39 16.53
C LEU B 183 -24.66 -1.16 15.70
N ASP B 184 -24.40 -1.25 14.41
CA ASP B 184 -24.55 -0.12 13.52
C ASP B 184 -25.04 -0.66 12.20
N LEU B 185 -26.34 -0.50 11.95
CA LEU B 185 -26.98 -1.07 10.78
C LEU B 185 -26.72 -0.24 9.53
N ALA B 186 -26.45 1.04 9.74
CA ALA B 186 -26.01 1.93 8.67
C ALA B 186 -24.74 1.37 8.04
N MET B 187 -23.72 1.16 8.87
CA MET B 187 -22.47 0.53 8.46
C MET B 187 -22.67 -0.86 7.85
N LEU B 188 -23.52 -1.67 8.48
CA LEU B 188 -23.89 -2.98 7.93
C LEU B 188 -24.44 -2.88 6.51
N ALA B 189 -25.32 -1.90 6.28
CA ALA B 189 -25.85 -1.68 4.94
C ALA B 189 -24.74 -1.28 3.97
N ALA B 190 -23.84 -0.43 4.44
CA ALA B 190 -22.72 0.05 3.62
C ALA B 190 -21.77 -1.06 3.19
N ILE B 191 -21.35 -1.89 4.14
CA ILE B 191 -20.40 -2.96 3.87
C ILE B 191 -21.01 -4.04 2.97
N ARG B 192 -22.30 -4.32 3.16
CA ARG B 192 -23.02 -5.25 2.29
C ARG B 192 -23.15 -4.73 0.87
N ARG B 193 -23.51 -3.45 0.72
CA ARG B 193 -23.51 -2.81 -0.59
C ARG B 193 -22.13 -2.86 -1.23
N VAL B 194 -21.10 -2.52 -0.47
CA VAL B 194 -19.74 -2.49 -1.00
C VAL B 194 -19.26 -3.85 -1.52
N TYR B 195 -19.48 -4.92 -0.76
CA TYR B 195 -19.14 -6.27 -1.22
C TYR B 195 -20.01 -6.77 -2.38
N GLY B 196 -21.27 -6.36 -2.44
CA GLY B 196 -22.11 -6.64 -3.62
C GLY B 196 -21.57 -5.95 -4.89
N LEU B 197 -21.16 -4.69 -4.75
CA LEU B 197 -20.52 -3.96 -5.85
C LEU B 197 -19.24 -4.66 -6.28
N LEU B 198 -18.49 -5.15 -5.31
CA LEU B 198 -17.23 -5.85 -5.57
C LEU B 198 -17.45 -7.07 -6.46
N ALA B 199 -18.33 -7.96 -6.04
CA ALA B 199 -18.73 -9.12 -6.83
C ALA B 199 -19.08 -8.71 -8.26
N ASN B 200 -19.97 -7.73 -8.40
CA ASN B 200 -20.32 -7.18 -9.69
C ASN B 200 -19.16 -6.58 -10.51
N THR B 201 -18.16 -6.04 -9.81
CA THR B 201 -17.03 -5.37 -10.48
C THR B 201 -16.13 -6.39 -11.15
N VAL B 202 -15.85 -7.48 -10.46
CA VAL B 202 -15.14 -8.61 -11.04
C VAL B 202 -15.87 -9.18 -12.28
N ARG B 203 -17.17 -9.40 -12.15
CA ARG B 203 -17.94 -9.98 -13.24
C ARG B 203 -17.97 -9.01 -14.44
N TYR B 204 -18.19 -7.73 -14.15
CA TYR B 204 -18.18 -6.70 -15.16
C TYR B 204 -16.84 -6.69 -15.90
N LEU B 205 -15.74 -6.73 -15.15
CA LEU B 205 -14.40 -6.74 -15.73
C LEU B 205 -14.13 -8.00 -16.55
N GLN B 206 -14.58 -9.14 -16.05
CA GLN B 206 -14.31 -10.40 -16.74
C GLN B 206 -15.13 -10.52 -18.03
N CYS B 207 -16.26 -9.82 -18.09
CA CYS B 207 -17.07 -9.74 -19.29
C CYS B 207 -16.59 -8.68 -20.28
N GLY B 208 -15.39 -8.14 -20.09
CA GLY B 208 -14.83 -7.21 -21.05
C GLY B 208 -15.15 -5.74 -20.79
N GLY B 209 -15.83 -5.47 -19.69
CA GLY B 209 -16.22 -4.11 -19.34
C GLY B 209 -15.03 -3.21 -19.10
N SER B 210 -15.13 -2.00 -19.65
CA SER B 210 -14.10 -1.00 -19.56
C SER B 210 -14.73 0.25 -18.98
N TRP B 211 -14.23 0.67 -17.82
CA TRP B 211 -14.88 1.75 -17.07
C TRP B 211 -14.73 3.11 -17.73
N ARG B 212 -13.62 3.34 -18.43
CA ARG B 212 -13.41 4.59 -19.15
C ARG B 212 -14.44 4.74 -20.27
N GLU B 213 -14.71 3.66 -20.98
CA GLU B 213 -15.74 3.66 -22.02
C GLU B 213 -17.13 3.83 -21.43
N ASP B 214 -17.34 3.35 -20.21
CA ASP B 214 -18.68 3.35 -19.60
C ASP B 214 -18.94 4.49 -18.62
N TRP B 215 -17.91 5.27 -18.29
CA TRP B 215 -18.00 6.33 -17.28
C TRP B 215 -19.17 7.30 -17.46
N GLY B 216 -19.53 7.59 -18.70
CA GLY B 216 -20.61 8.51 -18.98
C GLY B 216 -22.00 8.01 -18.60
N GLN B 217 -22.11 6.71 -18.36
CA GLN B 217 -23.39 6.09 -18.04
C GLN B 217 -23.76 6.24 -16.57
N LEU B 218 -22.84 6.79 -15.78
CA LEU B 218 -23.04 6.98 -14.34
C LEU B 218 -23.90 8.20 -14.02
N SER B 219 -24.89 7.99 -13.16
CA SER B 219 -25.77 9.04 -12.63
C SER B 219 -26.66 8.45 -11.52
N GLY B 220 -26.14 8.41 -10.30
CA GLY B 220 -26.86 7.81 -9.18
C GLY B 220 -27.74 8.78 -8.41
N PRO B 230 -26.55 -10.07 -5.75
CA PRO B 230 -25.49 -10.13 -6.75
C PRO B 230 -24.77 -11.48 -6.78
N GLN B 231 -23.77 -11.59 -7.66
CA GLN B 231 -23.04 -12.83 -7.89
C GLN B 231 -21.91 -12.58 -8.90
N SER B 232 -20.89 -13.42 -8.85
CA SER B 232 -19.93 -13.46 -9.96
C SER B 232 -19.63 -14.85 -10.49
N ASN B 233 -18.81 -14.85 -11.54
CA ASN B 233 -18.51 -16.01 -12.36
C ASN B 233 -19.78 -16.71 -12.82
N ALA B 234 -20.81 -15.88 -13.00
CA ALA B 234 -22.07 -16.29 -13.60
C ALA B 234 -22.79 -15.02 -14.07
N GLY B 235 -23.79 -15.19 -14.92
CA GLY B 235 -24.66 -14.08 -15.28
C GLY B 235 -24.07 -13.14 -16.31
N PRO B 236 -24.88 -12.15 -16.71
CA PRO B 236 -24.56 -11.16 -17.75
C PRO B 236 -23.69 -10.02 -17.22
N ARG B 237 -23.12 -9.23 -18.13
CA ARG B 237 -22.29 -8.10 -17.71
C ARG B 237 -23.13 -7.03 -17.01
N PRO B 238 -22.73 -6.67 -15.77
CA PRO B 238 -23.40 -5.64 -14.99
C PRO B 238 -23.25 -4.26 -15.61
N HIS B 239 -24.16 -3.38 -15.22
CA HIS B 239 -24.08 -1.97 -15.52
C HIS B 239 -23.03 -1.35 -14.58
N ILE B 240 -22.24 -0.40 -15.09
CA ILE B 240 -21.16 0.22 -14.32
C ILE B 240 -21.69 0.87 -13.04
N GLY B 241 -22.96 1.30 -13.06
CA GLY B 241 -23.60 1.85 -11.90
C GLY B 241 -23.83 0.83 -10.80
N ASP B 242 -23.70 -0.46 -11.15
CA ASP B 242 -23.82 -1.55 -10.17
C ASP B 242 -22.45 -2.12 -9.81
N THR B 243 -21.38 -1.38 -10.13
CA THR B 243 -20.02 -1.77 -9.77
C THR B 243 -19.40 -0.72 -8.86
N LEU B 244 -18.17 -0.96 -8.40
CA LEU B 244 -17.50 -0.05 -7.44
C LEU B 244 -17.17 1.29 -8.07
N PHE B 245 -17.08 1.30 -9.40
CA PHE B 245 -16.74 2.52 -10.12
C PHE B 245 -17.73 3.64 -9.81
N THR B 246 -18.98 3.25 -9.59
CA THR B 246 -20.01 4.22 -9.31
C THR B 246 -19.73 5.05 -8.03
N LEU B 247 -18.94 4.50 -7.11
CA LEU B 247 -18.70 5.21 -5.84
C LEU B 247 -17.83 6.46 -6.04
N PHE B 248 -17.05 6.47 -7.12
CA PHE B 248 -16.01 7.46 -7.31
C PHE B 248 -16.40 8.59 -8.27
N ARG B 249 -17.70 8.69 -8.53
CA ARG B 249 -18.25 9.87 -9.17
C ARG B 249 -18.57 10.86 -8.05
N ALA B 250 -17.53 11.32 -7.36
CA ALA B 250 -17.69 12.24 -6.24
C ALA B 250 -17.12 13.61 -6.62
N PRO B 251 -17.82 14.69 -6.23
CA PRO B 251 -17.43 16.05 -6.57
C PRO B 251 -15.98 16.40 -6.19
N GLU B 252 -15.43 15.73 -5.18
CA GLU B 252 -14.04 15.94 -4.78
C GLU B 252 -13.08 15.47 -5.87
N LEU B 253 -13.48 14.45 -6.62
CA LEU B 253 -12.58 13.82 -7.58
C LEU B 253 -12.69 14.43 -8.97
N LEU B 254 -13.63 15.35 -9.15
CA LEU B 254 -13.93 15.88 -10.49
C LEU B 254 -13.30 17.24 -10.76
N ALA B 255 -12.65 17.34 -11.93
CA ALA B 255 -12.11 18.60 -12.46
C ALA B 255 -13.23 19.56 -12.88
N PRO B 256 -12.90 20.87 -12.96
CA PRO B 256 -13.82 21.88 -13.53
C PRO B 256 -14.53 21.40 -14.77
N ASN B 257 -13.80 20.81 -15.72
CA ASN B 257 -14.43 20.27 -16.92
C ASN B 257 -15.39 19.10 -16.68
N GLY B 258 -15.50 18.66 -15.44
CA GLY B 258 -16.47 17.63 -15.08
C GLY B 258 -15.96 16.21 -15.16
N ASP B 259 -14.77 16.03 -15.75
CA ASP B 259 -14.17 14.69 -15.79
C ASP B 259 -13.38 14.42 -14.52
N LEU B 260 -13.02 13.16 -14.31
CA LEU B 260 -12.14 12.80 -13.20
C LEU B 260 -10.76 13.40 -13.44
N TYR B 261 -10.12 13.85 -12.37
CA TYR B 261 -8.71 14.20 -12.46
C TYR B 261 -7.99 12.92 -12.81
N ASN B 262 -6.95 13.02 -13.64
CA ASN B 262 -6.21 11.86 -14.10
C ASN B 262 -5.66 11.01 -12.95
N VAL B 263 -5.20 11.66 -11.89
CA VAL B 263 -4.60 10.93 -10.78
C VAL B 263 -5.59 9.92 -10.23
N PHE B 264 -6.84 10.34 -10.08
CA PHE B 264 -7.88 9.43 -9.62
C PHE B 264 -8.27 8.36 -10.65
N ALA B 265 -8.33 8.73 -11.93
CA ALA B 265 -8.65 7.77 -12.99
C ALA B 265 -7.60 6.67 -13.04
N TRP B 266 -6.35 7.06 -12.81
CA TRP B 266 -5.25 6.10 -12.75
C TRP B 266 -5.45 5.12 -11.59
N ALA B 267 -6.05 5.57 -10.49
CA ALA B 267 -6.31 4.67 -9.36
C ALA B 267 -7.45 3.69 -9.67
N LEU B 268 -8.42 4.16 -10.47
CA LEU B 268 -9.47 3.26 -10.94
C LEU B 268 -8.93 2.23 -11.94
N ASP B 269 -7.96 2.63 -12.75
CA ASP B 269 -7.27 1.69 -13.63
C ASP B 269 -6.58 0.60 -12.83
N VAL B 270 -6.02 0.98 -11.68
CA VAL B 270 -5.38 0.04 -10.78
C VAL B 270 -6.44 -0.87 -10.17
N LEU B 271 -7.57 -0.29 -9.76
CA LEU B 271 -8.68 -1.08 -9.25
C LEU B 271 -9.11 -2.15 -10.26
N ALA B 272 -9.21 -1.77 -11.53
CA ALA B 272 -9.63 -2.70 -12.58
C ALA B 272 -8.61 -3.82 -12.78
N LYS B 273 -7.32 -3.47 -12.82
CA LYS B 273 -6.25 -4.45 -13.01
C LYS B 273 -6.21 -5.49 -11.88
N ARG B 274 -6.46 -5.05 -10.64
CA ARG B 274 -6.36 -5.96 -9.50
C ARG B 274 -7.56 -6.91 -9.43
N LEU B 275 -8.76 -6.36 -9.55
CA LEU B 275 -9.98 -7.16 -9.42
C LEU B 275 -10.22 -8.12 -10.58
N ARG B 276 -9.72 -7.80 -11.77
CA ARG B 276 -10.14 -8.50 -12.98
C ARG B 276 -9.56 -9.90 -13.09
N SER B 277 -8.46 -10.17 -12.41
CA SER B 277 -7.85 -11.49 -12.54
C SER B 277 -8.25 -12.38 -11.37
N MET B 278 -9.17 -11.90 -10.54
CA MET B 278 -9.64 -12.67 -9.38
C MET B 278 -10.73 -13.69 -9.73
N HIS B 279 -10.71 -14.81 -9.01
CA HIS B 279 -11.71 -15.86 -9.19
C HIS B 279 -12.69 -15.79 -8.04
N VAL B 280 -13.89 -15.28 -8.31
CA VAL B 280 -14.87 -15.01 -7.25
C VAL B 280 -15.94 -16.09 -7.23
N PHE B 281 -16.30 -16.53 -6.03
CA PHE B 281 -17.38 -17.50 -5.82
C PHE B 281 -18.30 -16.95 -4.74
N ILE B 282 -19.58 -17.32 -4.79
CA ILE B 282 -20.52 -16.84 -3.79
C ILE B 282 -20.97 -17.99 -2.92
N LEU B 283 -20.99 -17.79 -1.61
CA LEU B 283 -21.42 -18.82 -0.68
C LEU B 283 -22.66 -18.32 0.03
N ASP B 284 -23.69 -19.17 0.07
CA ASP B 284 -24.93 -18.88 0.78
C ASP B 284 -24.77 -19.19 2.27
N TYR B 285 -24.76 -18.15 3.09
CA TYR B 285 -24.67 -18.31 4.54
C TYR B 285 -26.04 -18.53 5.21
N ASP B 286 -27.11 -18.51 4.44
CA ASP B 286 -28.44 -18.71 5.02
C ASP B 286 -28.69 -20.21 5.27
N GLN B 287 -27.89 -20.77 6.17
CA GLN B 287 -28.04 -22.16 6.59
C GLN B 287 -27.18 -22.40 7.83
N SER B 288 -27.15 -23.65 8.28
CA SER B 288 -26.43 -24.04 9.49
C SER B 288 -24.93 -24.03 9.20
N PRO B 289 -24.12 -23.98 10.28
CA PRO B 289 -22.65 -23.97 10.14
C PRO B 289 -22.09 -25.16 9.33
N ALA B 290 -22.55 -26.36 9.60
CA ALA B 290 -22.16 -27.53 8.81
C ALA B 290 -22.63 -27.42 7.35
N GLY B 291 -23.83 -26.88 7.14
CA GLY B 291 -24.29 -26.56 5.80
C GLY B 291 -23.30 -25.66 5.06
N CYS B 292 -22.98 -24.51 5.64
CA CYS B 292 -22.03 -23.57 5.04
C CYS B 292 -20.70 -24.24 4.69
N ARG B 293 -20.22 -25.04 5.62
CA ARG B 293 -18.99 -25.81 5.47
C ARG B 293 -19.05 -26.73 4.25
N ASP B 294 -20.12 -27.51 4.13
CA ASP B 294 -20.24 -28.44 3.00
C ASP B 294 -20.52 -27.69 1.69
N ALA B 295 -21.33 -26.64 1.77
CA ALA B 295 -21.54 -25.77 0.61
C ALA B 295 -20.19 -25.22 0.13
N LEU B 296 -19.32 -24.86 1.08
CA LEU B 296 -18.01 -24.30 0.74
C LEU B 296 -17.07 -25.34 0.15
N LEU B 297 -17.10 -26.54 0.74
CA LEU B 297 -16.32 -27.67 0.25
C LEU B 297 -16.62 -27.96 -1.23
N GLN B 298 -17.89 -27.93 -1.61
CA GLN B 298 -18.27 -28.20 -2.99
C GLN B 298 -17.71 -27.12 -3.90
N LEU B 299 -17.67 -25.90 -3.40
CA LEU B 299 -17.20 -24.76 -4.18
C LEU B 299 -15.71 -24.91 -4.50
N THR B 300 -14.97 -25.55 -3.59
CA THR B 300 -13.53 -25.68 -3.77
C THR B 300 -13.18 -26.52 -5.00
N SER B 301 -14.15 -27.31 -5.47
CA SER B 301 -13.96 -28.16 -6.63
C SER B 301 -13.58 -27.36 -7.87
N GLY B 302 -14.24 -26.20 -8.06
CA GLY B 302 -14.00 -25.38 -9.22
C GLY B 302 -13.02 -24.25 -8.98
N MET B 303 -12.03 -24.49 -8.13
CA MET B 303 -11.09 -23.43 -7.76
C MET B 303 -9.71 -23.58 -8.35
N VAL B 304 -9.16 -22.45 -8.80
CA VAL B 304 -7.85 -22.43 -9.42
C VAL B 304 -6.71 -22.64 -8.43
N GLN B 305 -5.91 -23.66 -8.70
CA GLN B 305 -4.70 -23.92 -7.95
C GLN B 305 -3.53 -23.24 -8.63
N THR B 306 -2.38 -23.19 -7.97
CA THR B 306 -1.16 -22.71 -8.61
C THR B 306 -0.02 -23.63 -8.26
N HIS B 307 1.05 -23.56 -9.04
CA HIS B 307 2.31 -24.20 -8.66
C HIS B 307 3.01 -23.30 -7.65
N VAL B 308 4.07 -23.83 -7.05
CA VAL B 308 4.93 -23.01 -6.21
C VAL B 308 6.28 -22.91 -6.90
N THR B 309 7.13 -22.00 -6.45
CA THR B 309 8.37 -21.70 -7.16
C THR B 309 9.57 -22.52 -6.69
N THR B 310 9.48 -23.08 -5.48
CA THR B 310 10.52 -23.98 -4.99
C THR B 310 9.86 -25.21 -4.38
N PRO B 311 10.54 -26.36 -4.42
CA PRO B 311 9.93 -27.56 -3.83
C PRO B 311 9.67 -27.36 -2.33
N GLY B 312 10.60 -26.72 -1.65
CA GLY B 312 10.45 -26.41 -0.24
C GLY B 312 9.66 -25.14 0.06
N SER B 313 8.85 -24.70 -0.90
CA SER B 313 7.93 -23.59 -0.67
C SER B 313 6.76 -24.03 0.20
N ILE B 314 6.30 -25.26 -0.01
CA ILE B 314 5.16 -25.79 0.75
C ILE B 314 5.37 -25.78 2.28
N PRO B 315 6.51 -26.33 2.78
CA PRO B 315 6.73 -26.22 4.22
C PRO B 315 6.91 -24.78 4.68
N THR B 316 7.67 -24.01 3.92
CA THR B 316 7.88 -22.59 4.21
C THR B 316 6.54 -21.87 4.36
N ILE B 317 5.67 -22.03 3.36
CA ILE B 317 4.33 -21.45 3.38
C ILE B 317 3.53 -21.97 4.57
N CYS B 318 3.72 -23.24 4.89
CA CYS B 318 3.04 -23.85 6.02
C CYS B 318 3.47 -23.24 7.36
N ASP B 319 4.78 -23.12 7.56
CA ASP B 319 5.30 -22.48 8.77
C ASP B 319 4.76 -21.06 8.94
N LEU B 320 4.83 -20.27 7.86
CA LEU B 320 4.35 -18.89 7.87
C LEU B 320 2.90 -18.79 8.32
N ALA B 321 2.04 -19.60 7.70
CA ALA B 321 0.62 -19.64 8.06
C ALA B 321 0.42 -20.01 9.53
N ARG B 322 1.16 -20.99 10.00
CA ARG B 322 1.00 -21.43 11.38
C ARG B 322 1.58 -20.40 12.36
N THR B 323 2.71 -19.82 11.99
CA THR B 323 3.31 -18.74 12.79
C THR B 323 2.36 -17.54 12.97
N PHE B 324 1.80 -17.07 11.85
CA PHE B 324 0.77 -16.03 11.81
C PHE B 324 -0.43 -16.39 12.68
N ALA B 325 -0.97 -17.59 12.47
CA ALA B 325 -2.12 -18.04 13.24
C ALA B 325 -1.79 -18.01 14.74
N ARG B 326 -0.65 -18.60 15.09
CA ARG B 326 -0.21 -18.64 16.48
C ARG B 326 0.04 -17.25 17.08
N GLU B 327 0.60 -16.34 16.28
CA GLU B 327 1.01 -15.03 16.83
C GLU B 327 -0.16 -14.05 16.86
N MET B 328 -0.98 -14.08 15.81
CA MET B 328 -2.02 -13.07 15.66
C MET B 328 -3.47 -13.53 15.76
N GLY B 329 -3.68 -14.85 15.75
CA GLY B 329 -5.01 -15.37 15.95
C GLY B 329 -5.46 -15.07 17.36
N GLU B 330 -6.77 -15.10 17.58
CA GLU B 330 -7.33 -14.80 18.90
C GLU B 330 -6.95 -15.85 19.95
S SO4 C . 14.57 20.32 -2.58
O1 SO4 C . 13.48 20.21 -1.61
O2 SO4 C . 14.05 20.18 -3.94
O3 SO4 C . 15.57 19.27 -2.37
O4 SO4 C . 15.20 21.62 -2.40
S SO4 D . 1.25 28.75 15.39
O1 SO4 D . 0.35 29.60 14.62
O2 SO4 D . 1.26 27.42 14.82
O3 SO4 D . 2.60 29.30 15.38
O4 SO4 D . 0.76 28.68 16.78
S SO4 E . 23.48 28.20 -1.87
O1 SO4 E . 23.32 27.45 -3.13
O2 SO4 E . 22.36 29.12 -1.70
O3 SO4 E . 24.73 28.94 -1.92
O4 SO4 E . 23.52 27.27 -0.74
O01 EDU F . 9.29 17.85 -0.29
C03 EDU F . 8.22 18.76 -0.12
C06 EDU F . 7.90 18.97 1.36
O08 EDU F . 7.05 17.89 1.77
C09 EDU F . 9.12 18.94 2.29
O10 EDU F . 8.83 19.80 3.39
C13 EDU F . 9.16 17.51 2.81
C16 EDU F . 7.70 17.14 2.83
N18 EDU F . 7.32 15.72 2.65
C19 EDU F . 6.73 15.13 3.74
O20 EDU F . 6.56 15.70 4.82
N21 EDU F . 6.35 13.83 3.55
C23 EDU F . 6.48 13.07 2.40
O24 EDU F . 6.11 11.91 2.32
C25 EDU F . 7.12 13.78 1.27
C26 EDU F . 7.50 15.05 1.46
C28 EDU F . 7.30 13.10 0.02
C29 EDU F . 7.45 12.51 -1.03
S SO4 G . -17.98 -13.36 10.66
O1 SO4 G . -18.37 -13.19 9.26
O2 SO4 G . -19.07 -13.99 11.40
O3 SO4 G . -16.79 -14.22 10.74
O4 SO4 G . -17.70 -12.04 11.23
S SO4 H . -3.97 -9.54 -15.57
O1 SO4 H . -5.08 -8.63 -15.85
O2 SO4 H . -4.50 -10.91 -15.53
O3 SO4 H . -2.97 -9.43 -16.63
O4 SO4 H . -3.33 -9.20 -14.29
O01 EDU I . -13.72 -8.36 11.26
C03 EDU I . -13.66 -7.95 12.62
C06 EDU I . -14.29 -6.57 12.88
O08 EDU I . -13.42 -5.55 12.37
C09 EDU I . -15.65 -6.33 12.22
O10 EDU I . -16.34 -5.36 13.01
C13 EDU I . -15.27 -5.69 10.90
C16 EDU I . -14.11 -4.81 11.35
N18 EDU I . -13.16 -4.43 10.30
C19 EDU I . -13.03 -3.06 10.00
O20 EDU I . -13.68 -2.17 10.54
N21 EDU I . -12.10 -2.76 9.02
C23 EDU I . -11.32 -3.66 8.32
O24 EDU I . -10.50 -3.31 7.46
C25 EDU I . -11.50 -5.08 8.69
C26 EDU I . -12.40 -5.38 9.64
C28 EDU I . -10.72 -6.05 8.00
C29 EDU I . -10.03 -6.84 7.39
#